data_6KIA
#
_entry.id   6KIA
#
_cell.length_a   63.558
_cell.length_b   138.219
_cell.length_c   157.408
_cell.angle_alpha   90.0
_cell.angle_beta   90.0
_cell.angle_gamma   90.0
#
_symmetry.space_group_name_H-M   'P 21 21 21'
#
loop_
_entity.id
_entity.type
_entity.pdbx_description
1 polymer 'Enoyl-acyl carrier protein reductase'
2 non-polymer '1,4-DIHYDRONICOTINAMIDE ADENINE DINUCLEOTIDE'
3 water water
#
_entity_poly.entity_id   1
_entity_poly.type   'polypeptide(L)'
_entity_poly.pdbx_seq_one_letter_code
;MKSPIPLRDVPQSNIFRKGDVFVLFGELFGRGYANGLINEARDAGMTIVGITVGRRDENNALRALTAEELATAEANLGGR
IINVPLMAGFDLDAPAGEPTPTDLLADMTLKSWQDDKLDWAHIEKCRAVGVQRFKDGVAKVMAELDGMIPDGANAFFAHT
MAGGIPKVKVFLAIANRIYKGRGERFLSSSALLNSDLGKLILMNFDEVTANTFLHLIEGSAAIRARLEKSGGQVRYSAYG
YHGTEILIDDKYQWQTYTSYTQGKAKMRLERIAEDAWKQGIKATVYNCPEIRTNSSDIFVGVELSLFPLLKALKKENGGA
WAEAQWQACREVLSEGHTLESLLQKIDDYNASDVMKGFRNFEAWPMPNTAELADIMIGTSDEITKMHKSRDALVTDVLSA
LVLEGTGPLMFHESSNPAGPVLWLSHDVIAKQLNLMHRLEHHHHHH
;
_entity_poly.pdbx_strand_id   A,B,C
#
# COMPACT_ATOMS: atom_id res chain seq x y z
N MET A 1 -3.55 -9.08 -14.77
CA MET A 1 -4.36 -8.33 -13.82
C MET A 1 -3.50 -7.84 -12.67
N LYS A 2 -3.89 -6.73 -12.04
CA LYS A 2 -3.09 -6.18 -10.96
C LYS A 2 -3.65 -6.54 -9.60
N SER A 3 -4.77 -7.27 -9.58
CA SER A 3 -5.26 -7.83 -8.32
C SER A 3 -6.18 -9.00 -8.63
N PRO A 4 -6.44 -9.85 -7.62
CA PRO A 4 -7.34 -10.99 -7.85
C PRO A 4 -8.70 -10.51 -8.32
N ILE A 5 -9.34 -11.34 -9.16
CA ILE A 5 -10.68 -11.09 -9.66
C ILE A 5 -11.60 -12.12 -9.02
N PRO A 6 -12.23 -11.76 -7.88
CA PRO A 6 -12.96 -12.77 -7.11
C PRO A 6 -14.32 -13.11 -7.68
N LEU A 7 -14.70 -14.38 -7.55
CA LEU A 7 -16.08 -14.81 -7.64
C LEU A 7 -16.67 -14.79 -6.23
N ARG A 8 -17.69 -13.96 -6.01
CA ARG A 8 -18.23 -13.82 -4.66
C ARG A 8 -19.55 -14.56 -4.45
N ASP A 9 -20.37 -14.60 -5.51
CA ASP A 9 -21.70 -15.18 -5.43
C ASP A 9 -21.76 -16.61 -5.98
N VAL A 10 -22.52 -17.44 -5.30
CA VAL A 10 -22.74 -18.80 -5.75
C VAL A 10 -23.58 -18.80 -7.04
N PRO A 11 -23.01 -19.35 -8.13
CA PRO A 11 -23.78 -19.41 -9.39
C PRO A 11 -24.94 -20.39 -9.32
N GLN A 12 -26.01 -20.07 -10.04
CA GLN A 12 -27.24 -20.88 -9.97
C GLN A 12 -27.74 -21.37 -11.33
N SER A 13 -27.06 -20.98 -12.39
CA SER A 13 -27.60 -21.35 -13.71
C SER A 13 -26.92 -22.61 -14.24
N ASN A 14 -27.62 -23.33 -15.11
CA ASN A 14 -27.09 -24.52 -15.76
C ASN A 14 -27.71 -24.71 -17.13
N ILE A 15 -26.86 -24.92 -18.14
CA ILE A 15 -27.34 -25.21 -19.49
C ILE A 15 -27.10 -26.65 -19.92
N PHE A 16 -26.39 -27.43 -19.12
CA PHE A 16 -25.98 -28.76 -19.53
C PHE A 16 -27.02 -29.82 -19.18
N ARG A 17 -27.21 -30.75 -20.12
CA ARG A 17 -28.28 -31.74 -20.04
C ARG A 17 -27.78 -33.06 -20.61
N LYS A 18 -28.59 -34.11 -20.48
CA LYS A 18 -28.35 -35.36 -21.23
C LYS A 18 -28.06 -35.10 -22.71
N GLY A 19 -26.99 -35.72 -23.22
CA GLY A 19 -26.60 -35.58 -24.60
C GLY A 19 -25.45 -34.61 -24.79
N ASP A 20 -25.32 -33.66 -23.87
CA ASP A 20 -24.19 -32.73 -23.89
C ASP A 20 -22.94 -33.50 -23.44
N VAL A 21 -21.76 -33.04 -23.87
CA VAL A 21 -20.55 -33.85 -23.72
C VAL A 21 -19.51 -33.11 -22.89
N PHE A 22 -19.01 -33.80 -21.87
CA PHE A 22 -17.98 -33.28 -21.00
C PHE A 22 -16.66 -33.96 -21.32
N VAL A 23 -15.63 -33.17 -21.63
CA VAL A 23 -14.36 -33.73 -22.05
C VAL A 23 -13.29 -33.39 -21.02
N LEU A 24 -12.73 -34.40 -20.38
CA LEU A 24 -11.67 -34.20 -19.39
C LEU A 24 -10.34 -34.17 -20.12
N PHE A 25 -9.75 -32.98 -20.21
CA PHE A 25 -8.50 -32.79 -20.93
C PHE A 25 -7.33 -32.86 -19.93
N GLY A 26 -7.04 -34.09 -19.52
CA GLY A 26 -6.10 -34.42 -18.45
C GLY A 26 -6.53 -35.76 -17.89
N GLU A 27 -5.71 -36.36 -17.02
CA GLU A 27 -6.08 -37.63 -16.40
C GLU A 27 -6.62 -37.42 -15.00
N LEU A 28 -7.53 -38.30 -14.60
CA LEU A 28 -8.21 -38.22 -13.32
C LEU A 28 -7.49 -39.11 -12.31
N PHE A 29 -7.06 -38.52 -11.19
CA PHE A 29 -6.40 -39.29 -10.11
C PHE A 29 -7.17 -39.08 -8.83
N GLY A 30 -7.03 -40.02 -7.89
CA GLY A 30 -7.58 -39.81 -6.57
C GLY A 30 -6.99 -38.54 -5.98
N ARG A 31 -7.85 -37.79 -5.30
CA ARG A 31 -7.55 -36.49 -4.64
C ARG A 31 -7.43 -35.34 -5.65
N GLY A 32 -7.49 -35.65 -6.95
CA GLY A 32 -7.35 -34.61 -7.94
C GLY A 32 -8.50 -33.60 -7.95
N TYR A 33 -8.20 -32.32 -8.21
CA TYR A 33 -9.25 -31.30 -8.26
C TYR A 33 -10.40 -31.68 -9.17
N ALA A 34 -10.07 -32.29 -10.32
CA ALA A 34 -11.07 -32.57 -11.34
C ALA A 34 -12.21 -33.45 -10.84
N ASN A 35 -11.95 -34.23 -9.78
CA ASN A 35 -13.02 -35.06 -9.20
C ASN A 35 -14.26 -34.25 -8.89
N GLY A 36 -14.10 -33.04 -8.33
CA GLY A 36 -15.28 -32.23 -8.03
C GLY A 36 -16.11 -31.93 -9.27
N LEU A 37 -15.42 -31.53 -10.34
CA LEU A 37 -16.10 -31.05 -11.53
C LEU A 37 -16.73 -32.21 -12.31
N ILE A 38 -15.98 -33.29 -12.47
CA ILE A 38 -16.49 -34.39 -13.25
C ILE A 38 -17.72 -35.02 -12.57
N ASN A 39 -17.74 -35.05 -11.23
CA ASN A 39 -18.92 -35.61 -10.58
C ASN A 39 -20.15 -34.75 -10.88
N GLU A 40 -19.92 -33.44 -10.99
CA GLU A 40 -21.03 -32.55 -11.33
C GLU A 40 -21.53 -32.86 -12.73
N ALA A 41 -20.58 -33.03 -13.63
CA ALA A 41 -20.95 -33.32 -15.01
C ALA A 41 -21.71 -34.64 -15.07
N ARG A 42 -21.28 -35.59 -14.25
CA ARG A 42 -21.92 -36.91 -14.26
C ARG A 42 -23.34 -36.76 -13.75
N ASP A 43 -23.54 -35.98 -12.68
CA ASP A 43 -24.88 -35.94 -12.10
C ASP A 43 -25.84 -35.10 -12.93
N ALA A 44 -25.29 -34.26 -13.82
CA ALA A 44 -26.14 -33.49 -14.72
C ALA A 44 -26.56 -34.34 -15.92
N GLY A 45 -26.01 -35.55 -16.01
CA GLY A 45 -26.39 -36.48 -17.08
C GLY A 45 -25.60 -36.31 -18.36
N MET A 46 -24.44 -35.67 -18.25
CA MET A 46 -23.58 -35.48 -19.43
C MET A 46 -22.86 -36.76 -19.79
N THR A 47 -22.61 -36.91 -21.08
CA THR A 47 -21.67 -37.91 -21.56
C THR A 47 -20.24 -37.54 -21.23
N ILE A 48 -19.54 -38.45 -20.57
CA ILE A 48 -18.19 -38.21 -20.09
C ILE A 48 -17.19 -38.83 -21.06
N VAL A 49 -16.26 -38.01 -21.54
CA VAL A 49 -15.17 -38.47 -22.40
C VAL A 49 -13.87 -37.92 -21.83
N GLY A 50 -12.78 -38.66 -21.99
CA GLY A 50 -11.48 -38.19 -21.54
C GLY A 50 -10.32 -38.58 -22.44
N ILE A 51 -9.16 -37.99 -22.16
CA ILE A 51 -7.94 -38.33 -22.84
C ILE A 51 -7.06 -39.21 -21.96
N THR A 52 -6.00 -39.74 -22.54
CA THR A 52 -4.97 -40.44 -21.78
C THR A 52 -3.63 -39.84 -22.20
N VAL A 53 -2.64 -39.88 -21.32
CA VAL A 53 -1.31 -39.45 -21.72
C VAL A 53 -0.53 -40.64 -22.29
N GLY A 54 -1.13 -41.82 -22.24
CA GLY A 54 -0.50 -43.03 -22.73
C GLY A 54 0.53 -43.53 -21.73
N ARG A 55 1.40 -44.44 -22.16
CA ARG A 55 2.44 -44.93 -21.26
C ARG A 55 3.76 -45.01 -22.01
N ARG A 56 4.85 -45.21 -21.28
CA ARG A 56 6.15 -45.38 -21.88
C ARG A 56 6.53 -46.87 -21.92
N ASP A 57 7.01 -47.35 -23.06
CA ASP A 57 7.56 -48.70 -23.06
C ASP A 57 8.98 -48.57 -22.51
N GLU A 58 9.74 -49.65 -22.44
CA GLU A 58 11.06 -49.57 -21.83
C GLU A 58 12.12 -49.07 -22.81
N ASN A 59 11.71 -48.81 -24.05
CA ASN A 59 12.53 -48.05 -24.99
C ASN A 59 12.15 -46.59 -24.83
N ASN A 60 11.37 -46.35 -23.78
CA ASN A 60 10.98 -45.02 -23.32
C ASN A 60 10.25 -44.24 -24.42
N ALA A 61 9.57 -44.98 -25.29
CA ALA A 61 8.77 -44.40 -26.36
C ALA A 61 7.31 -44.36 -25.93
N LEU A 62 6.57 -43.35 -26.39
CA LEU A 62 5.16 -43.25 -26.03
C LEU A 62 4.32 -44.32 -26.68
N ARG A 63 3.38 -44.89 -25.93
CA ARG A 63 2.48 -45.88 -26.52
C ARG A 63 1.04 -45.66 -26.05
N ALA A 64 0.09 -46.11 -26.87
CA ALA A 64 -1.30 -46.05 -26.48
C ALA A 64 -1.55 -47.10 -25.41
N LEU A 65 -2.68 -46.97 -24.73
CA LEU A 65 -3.06 -47.91 -23.70
C LEU A 65 -3.42 -49.26 -24.33
N THR A 66 -3.14 -50.33 -23.61
CA THR A 66 -3.59 -51.65 -24.01
C THR A 66 -5.08 -51.75 -23.71
N ALA A 67 -5.70 -52.81 -24.21
CA ALA A 67 -7.12 -53.05 -23.98
C ALA A 67 -7.45 -53.08 -22.49
N GLU A 68 -6.62 -53.80 -21.73
CA GLU A 68 -6.78 -53.91 -20.28
C GLU A 68 -6.62 -52.57 -19.59
N GLU A 69 -5.54 -51.87 -19.94
CA GLU A 69 -5.28 -50.52 -19.44
C GLU A 69 -6.42 -49.56 -19.76
N LEU A 70 -6.89 -49.62 -21.00
CA LEU A 70 -7.98 -48.75 -21.44
C LEU A 70 -9.25 -49.02 -20.65
N ALA A 71 -9.57 -50.30 -20.44
CA ALA A 71 -10.78 -50.65 -19.71
C ALA A 71 -10.74 -50.12 -18.28
N THR A 72 -9.58 -50.30 -17.67
CA THR A 72 -9.38 -49.79 -16.31
C THR A 72 -9.54 -48.26 -16.25
N ALA A 73 -8.86 -47.58 -17.16
CA ALA A 73 -8.92 -46.11 -17.21
C ALA A 73 -10.34 -45.61 -17.45
N GLU A 74 -11.08 -46.31 -18.31
CA GLU A 74 -12.45 -45.89 -18.61
C GLU A 74 -13.38 -46.11 -17.41
N ALA A 75 -13.15 -47.17 -16.65
CA ALA A 75 -13.96 -47.40 -15.46
C ALA A 75 -13.64 -46.34 -14.40
N ASN A 76 -12.39 -45.95 -14.33
CA ASN A 76 -11.96 -44.93 -13.39
C ASN A 76 -12.54 -43.56 -13.73
N LEU A 77 -12.60 -43.25 -15.04
CA LEU A 77 -13.17 -41.99 -15.50
C LEU A 77 -14.70 -42.00 -15.47
N GLY A 78 -15.28 -43.16 -15.79
CA GLY A 78 -16.72 -43.29 -15.94
C GLY A 78 -17.21 -42.82 -17.30
N GLY A 79 -16.43 -43.14 -18.32
CA GLY A 79 -16.75 -42.74 -19.68
C GLY A 79 -15.68 -43.23 -20.64
N ARG A 80 -15.83 -42.88 -21.90
CA ARG A 80 -14.88 -43.31 -22.92
C ARG A 80 -13.57 -42.54 -22.87
N ILE A 81 -12.47 -43.25 -23.10
CA ILE A 81 -11.17 -42.61 -23.23
C ILE A 81 -10.71 -42.76 -24.68
N ILE A 82 -10.30 -41.66 -25.28
CA ILE A 82 -9.79 -41.71 -26.65
C ILE A 82 -8.33 -42.13 -26.60
N ASN A 83 -8.01 -43.26 -27.22
CA ASN A 83 -6.73 -43.90 -26.96
C ASN A 83 -5.61 -43.33 -27.84
N VAL A 84 -5.20 -42.12 -27.53
CA VAL A 84 -4.08 -41.46 -28.20
C VAL A 84 -3.18 -40.91 -27.10
N PRO A 85 -1.86 -41.20 -27.17
CA PRO A 85 -1.00 -40.76 -26.05
C PRO A 85 -0.74 -39.25 -26.06
N LEU A 86 -1.53 -38.51 -25.27
CA LEU A 86 -1.48 -37.06 -25.27
C LEU A 86 -0.58 -36.56 -24.16
N MET A 87 0.66 -37.04 -24.17
CA MET A 87 1.65 -36.58 -23.19
C MET A 87 2.21 -35.22 -23.56
N ALA A 88 2.04 -34.23 -22.68
CA ALA A 88 2.59 -32.90 -22.95
C ALA A 88 4.02 -32.80 -22.46
N GLY A 89 4.69 -31.72 -22.86
CA GLY A 89 6.09 -31.51 -22.50
C GLY A 89 6.99 -32.09 -23.56
N PHE A 90 8.27 -31.75 -23.49
CA PHE A 90 9.21 -32.19 -24.52
C PHE A 90 10.45 -32.80 -23.88
N ASP A 91 10.40 -33.07 -22.59
CA ASP A 91 11.59 -33.55 -21.88
C ASP A 91 12.11 -34.91 -22.39
N LEU A 92 11.25 -35.69 -23.03
CA LEU A 92 11.68 -36.98 -23.59
C LEU A 92 11.47 -37.03 -25.10
N ASP A 93 11.44 -35.86 -25.73
CA ASP A 93 11.34 -35.79 -27.18
C ASP A 93 12.68 -35.44 -27.86
N ALA A 94 12.91 -36.00 -29.04
CA ALA A 94 14.11 -35.71 -29.82
C ALA A 94 13.97 -36.27 -31.22
N PRO A 95 14.73 -35.72 -32.19
CA PRO A 95 14.83 -36.38 -33.50
C PRO A 95 15.40 -37.78 -33.33
N ALA A 96 15.04 -38.71 -34.22
CA ALA A 96 15.48 -40.10 -34.11
C ALA A 96 16.97 -40.27 -33.79
N GLY A 97 17.26 -41.00 -32.73
CA GLY A 97 18.63 -41.32 -32.39
C GLY A 97 19.45 -40.22 -31.72
N GLU A 98 18.83 -39.10 -31.40
CA GLU A 98 19.56 -37.98 -30.79
C GLU A 98 19.17 -37.80 -29.32
N PRO A 99 20.03 -37.12 -28.53
CA PRO A 99 19.70 -36.99 -27.10
C PRO A 99 18.41 -36.21 -26.87
N THR A 100 17.68 -36.59 -25.82
CA THR A 100 16.54 -35.83 -25.34
C THR A 100 17.08 -34.77 -24.36
N PRO A 101 16.27 -33.77 -24.00
CA PRO A 101 16.70 -32.86 -22.93
C PRO A 101 17.04 -33.61 -21.64
N THR A 102 16.27 -34.66 -21.35
CA THR A 102 16.53 -35.49 -20.18
C THR A 102 17.93 -36.13 -20.27
N ASP A 103 18.27 -36.64 -21.46
CA ASP A 103 19.62 -37.14 -21.71
C ASP A 103 20.67 -36.08 -21.46
N LEU A 104 20.38 -34.83 -21.85
CA LEU A 104 21.32 -33.74 -21.68
C LEU A 104 21.49 -33.41 -20.20
N LEU A 105 20.54 -33.82 -19.37
CA LEU A 105 20.69 -33.59 -17.92
C LEU A 105 21.46 -34.70 -17.22
N ALA A 106 21.72 -35.80 -17.93
CA ALA A 106 22.20 -37.04 -17.32
C ALA A 106 23.52 -36.95 -16.56
N ASP A 107 24.40 -36.02 -16.95
CA ASP A 107 25.71 -35.99 -16.30
C ASP A 107 25.86 -34.79 -15.37
N MET A 108 24.75 -34.12 -15.06
CA MET A 108 24.73 -33.11 -14.00
C MET A 108 24.84 -33.80 -12.65
N THR A 109 25.64 -33.22 -11.76
CA THR A 109 25.80 -33.76 -10.41
C THR A 109 25.41 -32.71 -9.41
N LEU A 110 25.39 -33.08 -8.14
CA LEU A 110 25.04 -32.13 -7.10
C LEU A 110 26.04 -30.99 -7.03
N LYS A 111 27.31 -31.28 -7.33
CA LYS A 111 28.32 -30.22 -7.40
C LYS A 111 28.28 -29.39 -8.69
N SER A 112 27.83 -29.97 -9.80
CA SER A 112 28.04 -29.32 -11.09
C SER A 112 26.79 -28.60 -11.62
N TRP A 113 25.62 -28.96 -11.13
CA TRP A 113 24.39 -28.57 -11.82
C TRP A 113 24.15 -27.05 -11.90
N GLN A 114 24.59 -26.28 -10.91
CA GLN A 114 24.29 -24.84 -10.90
C GLN A 114 25.08 -24.13 -11.99
N ASP A 115 26.20 -24.72 -12.38
CA ASP A 115 27.07 -24.09 -13.34
C ASP A 115 27.01 -24.77 -14.71
N ASP A 116 26.38 -25.95 -14.78
CA ASP A 116 26.27 -26.66 -16.07
C ASP A 116 25.43 -25.89 -17.07
N LYS A 117 25.87 -25.90 -18.32
CA LYS A 117 25.19 -25.13 -19.36
C LYS A 117 24.64 -26.07 -20.40
N LEU A 118 23.52 -25.71 -21.02
CA LEU A 118 22.87 -26.58 -21.99
C LEU A 118 22.97 -26.05 -23.43
N ASP A 119 23.01 -26.99 -24.37
CA ASP A 119 22.94 -26.72 -25.80
C ASP A 119 21.53 -26.32 -26.18
N TRP A 120 21.27 -25.02 -26.18
CA TRP A 120 19.91 -24.54 -26.35
C TRP A 120 19.37 -24.71 -27.77
N ALA A 121 20.27 -24.79 -28.75
CA ALA A 121 19.85 -25.08 -30.12
C ALA A 121 19.24 -26.47 -30.20
N HIS A 122 19.91 -27.44 -29.57
CA HIS A 122 19.39 -28.79 -29.57
C HIS A 122 18.10 -28.88 -28.77
N ILE A 123 18.04 -28.17 -27.65
CA ILE A 123 16.84 -28.20 -26.82
C ILE A 123 15.66 -27.62 -27.62
N GLU A 124 15.92 -26.61 -28.43
CA GLU A 124 14.88 -26.02 -29.26
C GLU A 124 14.39 -27.02 -30.32
N LYS A 125 15.34 -27.76 -30.89
CA LYS A 125 14.96 -28.83 -31.82
C LYS A 125 14.03 -29.86 -31.17
N CYS A 126 14.39 -30.25 -29.96
CA CYS A 126 13.55 -31.17 -29.17
C CYS A 126 12.18 -30.59 -28.83
N ARG A 127 12.14 -29.31 -28.46
CA ARG A 127 10.89 -28.63 -28.14
C ARG A 127 9.97 -28.66 -29.34
N ALA A 128 10.52 -28.38 -30.52
CA ALA A 128 9.73 -28.41 -31.76
C ALA A 128 9.16 -29.79 -32.03
N VAL A 129 10.01 -30.82 -31.93
CA VAL A 129 9.51 -32.18 -32.10
C VAL A 129 8.37 -32.50 -31.09
N GLY A 130 8.57 -32.18 -29.82
CA GLY A 130 7.56 -32.48 -28.82
C GLY A 130 6.25 -31.74 -29.02
N VAL A 131 6.35 -30.47 -29.40
CA VAL A 131 5.17 -29.65 -29.55
C VAL A 131 4.37 -30.14 -30.75
N GLN A 132 5.07 -30.52 -31.82
CA GLN A 132 4.36 -30.98 -32.99
C GLN A 132 3.71 -32.34 -32.73
N ARG A 133 4.39 -33.18 -31.96
CA ARG A 133 3.81 -34.43 -31.53
C ARG A 133 2.50 -34.21 -30.77
N PHE A 134 2.52 -33.27 -29.81
CA PHE A 134 1.31 -32.98 -29.03
C PHE A 134 0.17 -32.42 -29.89
N LYS A 135 0.49 -31.47 -30.77
CA LYS A 135 -0.53 -30.93 -31.67
C LYS A 135 -1.14 -32.00 -32.57
N ASP A 136 -0.29 -32.86 -33.11
CA ASP A 136 -0.74 -33.94 -33.98
C ASP A 136 -1.65 -34.90 -33.18
N GLY A 137 -1.27 -35.15 -31.93
CA GLY A 137 -2.10 -35.93 -31.03
C GLY A 137 -3.46 -35.30 -30.81
N VAL A 138 -3.47 -34.00 -30.51
CA VAL A 138 -4.70 -33.26 -30.27
C VAL A 138 -5.59 -33.34 -31.50
N ALA A 139 -5.00 -33.25 -32.70
CA ALA A 139 -5.78 -33.37 -33.93
C ALA A 139 -6.42 -34.75 -34.06
N LYS A 140 -5.65 -35.81 -33.79
CA LYS A 140 -6.21 -37.17 -33.70
C LYS A 140 -7.42 -37.26 -32.79
N VAL A 141 -7.24 -36.77 -31.56
CA VAL A 141 -8.27 -36.84 -30.54
C VAL A 141 -9.51 -36.07 -30.97
N MET A 142 -9.31 -34.86 -31.51
CA MET A 142 -10.43 -34.02 -31.90
C MET A 142 -11.16 -34.61 -33.11
N ALA A 143 -10.41 -35.28 -33.97
CA ALA A 143 -11.03 -35.96 -35.11
C ALA A 143 -11.98 -37.03 -34.61
N GLU A 144 -11.53 -37.79 -33.61
CA GLU A 144 -12.39 -38.84 -33.05
C GLU A 144 -13.57 -38.28 -32.24
N LEU A 145 -13.30 -37.24 -31.46
CA LEU A 145 -14.31 -36.61 -30.62
C LEU A 145 -15.42 -35.95 -31.45
N ASP A 146 -15.03 -35.37 -32.59
CA ASP A 146 -15.99 -34.67 -33.44
C ASP A 146 -17.16 -35.58 -33.79
N GLY A 147 -16.86 -36.85 -34.04
CA GLY A 147 -17.89 -37.81 -34.40
C GLY A 147 -18.79 -38.18 -33.25
N MET A 148 -18.37 -37.83 -32.03
CA MET A 148 -19.11 -38.18 -30.82
C MET A 148 -20.01 -37.07 -30.28
N ILE A 149 -19.86 -35.84 -30.78
CA ILE A 149 -20.63 -34.72 -30.28
C ILE A 149 -21.63 -34.26 -31.36
N PRO A 150 -22.92 -34.53 -31.16
CA PRO A 150 -23.86 -34.23 -32.27
C PRO A 150 -24.09 -32.73 -32.43
N ASP A 151 -24.52 -32.31 -33.63
CA ASP A 151 -25.02 -30.97 -33.81
C ASP A 151 -26.04 -30.65 -32.74
N GLY A 152 -25.99 -29.44 -32.20
CA GLY A 152 -26.97 -29.03 -31.23
C GLY A 152 -26.51 -29.26 -29.80
N ALA A 153 -25.48 -30.06 -29.61
CA ALA A 153 -25.00 -30.30 -28.25
C ALA A 153 -24.19 -29.15 -27.67
N ASN A 154 -24.16 -29.12 -26.33
CA ASN A 154 -23.23 -28.27 -25.61
C ASN A 154 -22.00 -29.09 -25.30
N ALA A 155 -20.83 -28.44 -25.32
CA ALA A 155 -19.60 -29.13 -24.98
C ALA A 155 -18.83 -28.33 -23.90
N PHE A 156 -18.27 -29.08 -22.96
CA PHE A 156 -17.55 -28.57 -21.81
C PHE A 156 -16.18 -29.24 -21.83
N PHE A 157 -15.15 -28.47 -22.18
CA PHE A 157 -13.79 -28.99 -22.21
C PHE A 157 -13.10 -28.56 -20.93
N ALA A 158 -12.74 -29.52 -20.07
CA ALA A 158 -12.13 -29.18 -18.78
C ALA A 158 -10.63 -29.53 -18.76
N HIS A 159 -9.79 -28.50 -18.84
CA HIS A 159 -8.33 -28.65 -18.84
C HIS A 159 -7.84 -28.81 -17.42
N THR A 160 -6.92 -29.74 -17.19
CA THR A 160 -6.40 -29.96 -15.84
C THR A 160 -4.88 -30.03 -15.82
N MET A 161 -4.25 -29.96 -17.00
CA MET A 161 -2.84 -30.33 -17.10
C MET A 161 -1.91 -29.35 -16.44
N ALA A 162 -1.00 -29.88 -15.64
CA ALA A 162 0.09 -29.13 -15.04
C ALA A 162 1.23 -30.11 -14.78
N GLY A 163 2.46 -29.68 -14.98
CA GLY A 163 3.60 -30.55 -14.72
C GLY A 163 4.79 -30.17 -15.58
N GLY A 164 5.65 -31.13 -15.89
CA GLY A 164 6.80 -30.88 -16.75
C GLY A 164 8.11 -31.10 -16.02
N ILE A 165 8.05 -31.70 -14.83
CA ILE A 165 9.27 -32.04 -14.11
C ILE A 165 9.96 -33.22 -14.78
N PRO A 166 11.23 -33.04 -15.17
CA PRO A 166 12.05 -34.09 -15.80
C PRO A 166 12.35 -35.23 -14.83
N LYS A 167 12.41 -36.45 -15.36
CA LYS A 167 12.68 -37.63 -14.57
C LYS A 167 14.19 -37.86 -14.49
N VAL A 168 14.85 -37.03 -13.71
CA VAL A 168 16.30 -37.15 -13.49
C VAL A 168 16.61 -37.14 -12.00
N LYS A 169 17.60 -37.93 -11.61
CA LYS A 169 17.83 -38.17 -10.20
C LYS A 169 18.29 -36.90 -9.47
N VAL A 170 19.13 -36.12 -10.13
CA VAL A 170 19.71 -34.91 -9.54
C VAL A 170 18.62 -33.89 -9.14
N PHE A 171 17.54 -33.83 -9.93
CA PHE A 171 16.56 -32.80 -9.65
C PHE A 171 15.76 -33.00 -8.39
N LEU A 172 15.47 -34.24 -8.00
CA LEU A 172 14.68 -34.39 -6.78
C LEU A 172 15.51 -34.13 -5.53
N ALA A 173 16.82 -34.38 -5.62
CA ALA A 173 17.73 -33.93 -4.56
C ALA A 173 17.68 -32.40 -4.43
N ILE A 174 17.86 -31.73 -5.57
CA ILE A 174 17.77 -30.27 -5.57
C ILE A 174 16.42 -29.79 -5.03
N ALA A 175 15.38 -30.48 -5.45
CA ALA A 175 13.99 -30.21 -5.06
C ALA A 175 13.77 -30.37 -3.56
N ASN A 176 14.36 -31.40 -2.96
CA ASN A 176 14.18 -31.60 -1.52
C ASN A 176 14.86 -30.49 -0.75
N ARG A 177 15.94 -29.96 -1.31
CA ARG A 177 16.56 -28.81 -0.67
C ARG A 177 15.71 -27.54 -0.84
N ILE A 178 15.16 -27.33 -2.03
CA ILE A 178 14.39 -26.12 -2.28
C ILE A 178 13.06 -26.10 -1.53
N TYR A 179 12.40 -27.25 -1.45
CA TYR A 179 11.05 -27.30 -0.92
C TYR A 179 11.05 -27.64 0.56
N LYS A 180 12.09 -28.35 1.04
CA LYS A 180 12.11 -28.80 2.44
C LYS A 180 13.33 -28.35 3.26
N GLY A 181 14.31 -27.70 2.61
CA GLY A 181 15.57 -27.40 3.26
C GLY A 181 15.56 -26.23 4.21
N ARG A 182 16.13 -26.45 5.40
CA ARG A 182 16.30 -25.42 6.39
C ARG A 182 17.76 -25.32 6.80
N GLY A 183 18.14 -24.19 7.38
CA GLY A 183 19.51 -24.00 7.83
C GLY A 183 20.47 -24.10 6.67
N GLU A 184 21.52 -24.89 6.85
CA GLU A 184 22.53 -25.06 5.82
C GLU A 184 22.00 -25.86 4.64
N ARG A 185 20.89 -26.57 4.85
CA ARG A 185 20.32 -27.37 3.78
C ARG A 185 19.31 -26.55 2.94
N PHE A 186 19.07 -25.31 3.35
CA PHE A 186 18.23 -24.42 2.57
C PHE A 186 18.87 -24.15 1.21
N LEU A 187 18.04 -24.13 0.18
CA LEU A 187 18.49 -23.72 -1.16
C LEU A 187 17.41 -22.83 -1.75
N SER A 188 17.79 -21.63 -2.20
CA SER A 188 16.77 -20.69 -2.66
C SER A 188 16.23 -21.10 -4.02
N SER A 189 14.97 -20.75 -4.26
CA SER A 189 14.30 -20.99 -5.54
C SER A 189 15.09 -20.35 -6.68
N SER A 190 15.67 -19.19 -6.40
CA SER A 190 16.47 -18.44 -7.36
C SER A 190 17.67 -19.24 -7.87
N ALA A 191 18.27 -20.04 -6.99
CA ALA A 191 19.42 -20.87 -7.39
C ALA A 191 19.01 -21.85 -8.50
N LEU A 192 17.84 -22.45 -8.37
CA LEU A 192 17.34 -23.33 -9.41
C LEU A 192 17.02 -22.53 -10.66
N LEU A 193 16.23 -21.47 -10.49
CA LEU A 193 15.68 -20.78 -11.66
C LEU A 193 16.77 -20.07 -12.50
N ASN A 194 17.87 -19.69 -11.87
CA ASN A 194 18.95 -19.03 -12.63
C ASN A 194 19.87 -20.01 -13.35
N SER A 195 19.82 -21.27 -12.97
CA SER A 195 20.62 -22.28 -13.67
C SER A 195 19.99 -22.65 -15.02
N ASP A 196 20.78 -23.23 -15.92
CA ASP A 196 20.23 -23.72 -17.18
C ASP A 196 19.22 -24.83 -16.93
N LEU A 197 19.49 -25.67 -15.92
CA LEU A 197 18.51 -26.68 -15.50
C LEU A 197 17.12 -26.06 -15.22
N GLY A 198 17.11 -25.01 -14.41
CA GLY A 198 15.88 -24.33 -14.04
C GLY A 198 15.20 -23.72 -15.27
N LYS A 199 16.00 -23.12 -16.15
CA LYS A 199 15.48 -22.51 -17.37
C LYS A 199 14.78 -23.55 -18.24
N LEU A 200 15.38 -24.72 -18.35
CA LEU A 200 14.79 -25.83 -19.10
C LEU A 200 13.46 -26.27 -18.49
N ILE A 201 13.49 -26.46 -17.17
CA ILE A 201 12.28 -26.84 -16.43
C ILE A 201 11.16 -25.83 -16.63
N LEU A 202 11.46 -24.54 -16.53
CA LEU A 202 10.45 -23.50 -16.74
C LEU A 202 9.88 -23.53 -18.18
N MET A 203 10.73 -23.82 -19.17
CA MET A 203 10.22 -24.01 -20.55
C MET A 203 9.21 -25.17 -20.61
N ASN A 204 9.56 -26.27 -19.93
CA ASN A 204 8.67 -27.42 -19.94
C ASN A 204 7.36 -27.12 -19.20
N PHE A 205 7.46 -26.36 -18.11
CA PHE A 205 6.28 -25.92 -17.35
C PHE A 205 5.36 -25.10 -18.26
N ASP A 206 5.94 -24.15 -19.00
CA ASP A 206 5.09 -23.37 -19.92
C ASP A 206 4.37 -24.32 -20.88
N GLU A 207 5.09 -25.32 -21.39
CA GLU A 207 4.43 -26.22 -22.36
C GLU A 207 3.27 -27.02 -21.75
N VAL A 208 3.53 -27.65 -20.61
CA VAL A 208 2.54 -28.56 -20.00
C VAL A 208 1.39 -27.83 -19.31
N THR A 209 1.73 -26.82 -18.51
CA THR A 209 0.80 -26.14 -17.64
C THR A 209 0.02 -25.06 -18.35
N ALA A 210 0.61 -24.48 -19.40
CA ALA A 210 -0.05 -23.35 -20.07
C ALA A 210 -0.39 -23.62 -21.54
N ASN A 211 0.60 -23.92 -22.35
CA ASN A 211 0.37 -24.01 -23.80
C ASN A 211 -0.58 -25.13 -24.23
N THR A 212 -0.66 -26.20 -23.43
CA THR A 212 -1.65 -27.25 -23.65
C THR A 212 -3.10 -26.70 -23.70
N PHE A 213 -3.40 -25.64 -22.93
CA PHE A 213 -4.72 -25.01 -22.97
C PHE A 213 -4.96 -24.35 -24.31
N LEU A 214 -3.91 -23.71 -24.83
CA LEU A 214 -4.00 -23.09 -26.15
C LEU A 214 -4.20 -24.17 -27.20
N HIS A 215 -3.50 -25.29 -27.07
CA HIS A 215 -3.61 -26.36 -28.05
C HIS A 215 -4.98 -26.99 -27.98
N LEU A 216 -5.57 -26.97 -26.79
CA LEU A 216 -6.94 -27.45 -26.63
C LEU A 216 -7.91 -26.53 -27.34
N ILE A 217 -7.76 -25.23 -27.12
CA ILE A 217 -8.67 -24.26 -27.71
C ILE A 217 -8.55 -24.27 -29.26
N GLU A 218 -7.33 -24.25 -29.75
CA GLU A 218 -7.11 -24.26 -31.20
C GLU A 218 -7.50 -25.59 -31.86
N GLY A 219 -7.15 -26.68 -31.19
CA GLY A 219 -7.40 -28.01 -31.71
C GLY A 219 -8.89 -28.32 -31.80
N SER A 220 -9.69 -27.71 -30.92
CA SER A 220 -11.12 -27.97 -30.89
C SER A 220 -11.94 -26.95 -31.70
N ALA A 221 -11.26 -26.11 -32.47
CA ALA A 221 -11.90 -24.99 -33.16
C ALA A 221 -12.99 -25.41 -34.12
N ALA A 222 -12.76 -26.48 -34.87
CA ALA A 222 -13.74 -26.96 -35.86
C ALA A 222 -15.01 -27.46 -35.17
N ILE A 223 -14.80 -28.23 -34.11
CA ILE A 223 -15.92 -28.68 -33.29
C ILE A 223 -16.70 -27.49 -32.74
N ARG A 224 -15.98 -26.54 -32.14
CA ARG A 224 -16.56 -25.33 -31.57
C ARG A 224 -17.44 -24.60 -32.60
N ALA A 225 -16.87 -24.35 -33.77
CA ALA A 225 -17.60 -23.67 -34.83
C ALA A 225 -18.88 -24.42 -35.23
N ARG A 226 -18.78 -25.74 -35.35
CA ARG A 226 -19.93 -26.50 -35.83
C ARG A 226 -21.04 -26.49 -34.76
N LEU A 227 -20.65 -26.58 -33.50
CA LEU A 227 -21.63 -26.54 -32.41
C LEU A 227 -22.27 -25.17 -32.25
N GLU A 228 -21.46 -24.13 -32.34
CA GLU A 228 -21.93 -22.78 -32.17
C GLU A 228 -22.90 -22.43 -33.30
N LYS A 229 -22.61 -22.94 -34.49
CA LYS A 229 -23.48 -22.72 -35.64
C LYS A 229 -24.75 -23.59 -35.61
N SER A 230 -24.76 -24.66 -34.79
CA SER A 230 -25.96 -25.49 -34.74
C SER A 230 -26.76 -25.38 -33.44
N GLY A 231 -26.66 -24.22 -32.79
CA GLY A 231 -27.45 -23.96 -31.59
C GLY A 231 -26.83 -24.50 -30.30
N GLY A 232 -25.55 -24.85 -30.35
CA GLY A 232 -24.88 -25.34 -29.15
C GLY A 232 -24.09 -24.27 -28.45
N GLN A 233 -23.64 -24.58 -27.22
CA GLN A 233 -22.73 -23.75 -26.43
C GLN A 233 -21.45 -24.50 -26.15
N VAL A 234 -20.32 -23.80 -26.18
CA VAL A 234 -19.04 -24.41 -25.86
C VAL A 234 -18.33 -23.64 -24.76
N ARG A 235 -17.78 -24.39 -23.80
CA ARG A 235 -17.07 -23.80 -22.67
C ARG A 235 -15.71 -24.50 -22.49
N TYR A 236 -14.72 -23.73 -22.06
CA TYR A 236 -13.41 -24.26 -21.64
C TYR A 236 -13.16 -23.83 -20.21
N SER A 237 -12.69 -24.74 -19.38
CA SER A 237 -12.29 -24.37 -18.02
C SER A 237 -10.86 -24.85 -17.81
N ALA A 238 -10.14 -24.21 -16.90
CA ALA A 238 -8.83 -24.68 -16.49
C ALA A 238 -8.70 -24.42 -15.00
N TYR A 239 -7.88 -25.22 -14.34
CA TYR A 239 -7.57 -25.02 -12.93
C TYR A 239 -6.33 -24.17 -12.81
N GLY A 240 -6.46 -22.98 -12.24
CA GLY A 240 -5.31 -22.12 -12.08
C GLY A 240 -4.89 -22.12 -10.64
N TYR A 241 -3.64 -21.71 -10.39
CA TYR A 241 -3.27 -21.31 -9.03
C TYR A 241 -2.59 -19.95 -9.12
N HIS A 242 -3.07 -18.99 -8.32
CA HIS A 242 -2.50 -17.65 -8.34
C HIS A 242 -2.73 -17.02 -6.98
N GLY A 243 -2.50 -17.83 -5.94
CA GLY A 243 -2.79 -17.41 -4.58
C GLY A 243 -4.28 -17.44 -4.28
N THR A 244 -4.62 -17.33 -3.00
CA THR A 244 -6.00 -17.50 -2.56
C THR A 244 -6.34 -16.57 -1.38
N GLU A 245 -7.56 -16.01 -1.36
CA GLU A 245 -7.98 -15.22 -0.21
C GLU A 245 -8.46 -16.12 0.91
N ILE A 246 -7.87 -15.94 2.07
CA ILE A 246 -8.23 -16.72 3.23
C ILE A 246 -8.43 -15.77 4.42
N LEU A 247 -9.11 -16.23 5.46
CA LEU A 247 -9.36 -15.40 6.64
C LEU A 247 -8.08 -15.10 7.44
N ILE A 248 -7.69 -13.83 7.40
CA ILE A 248 -6.60 -13.28 8.21
C ILE A 248 -7.19 -12.06 8.93
N ASP A 249 -7.17 -12.10 10.26
CA ASP A 249 -7.74 -11.02 11.06
C ASP A 249 -9.23 -10.80 10.71
N ASP A 250 -9.96 -11.90 10.58
CA ASP A 250 -11.40 -11.90 10.25
C ASP A 250 -11.73 -11.16 8.95
N LYS A 251 -10.77 -11.09 8.04
CA LYS A 251 -11.01 -10.51 6.71
C LYS A 251 -10.46 -11.46 5.66
N TYR A 252 -11.14 -11.60 4.52
CA TYR A 252 -10.55 -12.43 3.47
C TYR A 252 -9.44 -11.67 2.77
N GLN A 253 -8.21 -12.16 2.90
CA GLN A 253 -7.02 -11.52 2.35
C GLN A 253 -6.22 -12.46 1.46
N TRP A 254 -5.79 -11.94 0.32
CA TRP A 254 -5.00 -12.72 -0.62
C TRP A 254 -3.68 -13.10 0.00
N GLN A 255 -3.31 -14.36 -0.18
CA GLN A 255 -2.00 -14.82 0.21
C GLN A 255 -1.62 -15.94 -0.75
N THR A 256 -0.47 -16.55 -0.53
CA THR A 256 0.04 -17.59 -1.45
C THR A 256 1.02 -18.50 -0.73
N TYR A 257 1.21 -19.70 -1.27
CA TYR A 257 2.39 -20.50 -0.99
C TYR A 257 3.56 -19.91 -1.75
N THR A 258 4.72 -19.83 -1.10
CA THR A 258 5.98 -19.38 -1.73
C THR A 258 7.03 -20.48 -1.51
N SER A 259 7.81 -20.86 -2.53
CA SER A 259 7.79 -20.20 -3.83
C SER A 259 7.17 -21.12 -4.89
N TYR A 260 6.12 -20.62 -5.54
CA TYR A 260 5.38 -21.46 -6.49
C TYR A 260 6.01 -21.43 -7.86
N THR A 261 6.77 -22.47 -8.18
CA THR A 261 7.64 -22.49 -9.35
C THR A 261 6.87 -22.50 -10.65
N GLN A 262 5.61 -22.93 -10.59
CA GLN A 262 4.73 -23.00 -11.78
C GLN A 262 4.05 -21.64 -12.03
N GLY A 263 4.44 -20.63 -11.26
CA GLY A 263 3.75 -19.35 -11.26
C GLY A 263 3.74 -18.63 -12.61
N LYS A 264 4.90 -18.58 -13.23
CA LYS A 264 5.00 -17.98 -14.58
C LYS A 264 4.07 -18.70 -15.59
N ALA A 265 4.07 -20.03 -15.55
CA ALA A 265 3.22 -20.80 -16.46
C ALA A 265 1.74 -20.56 -16.16
N LYS A 266 1.39 -20.44 -14.87
CA LYS A 266 -0.03 -20.19 -14.54
C LYS A 266 -0.45 -18.79 -15.03
N MET A 267 0.47 -17.82 -15.03
CA MET A 267 0.06 -16.50 -15.54
C MET A 267 -0.02 -16.52 -17.07
N ARG A 268 0.77 -17.37 -17.71
CA ARG A 268 0.65 -17.54 -19.15
C ARG A 268 -0.68 -18.22 -19.50
N LEU A 269 -1.08 -19.17 -18.66
CA LEU A 269 -2.40 -19.81 -18.78
C LEU A 269 -3.53 -18.79 -18.73
N GLU A 270 -3.45 -17.89 -17.75
CA GLU A 270 -4.41 -16.79 -17.64
C GLU A 270 -4.44 -15.95 -18.92
N ARG A 271 -3.26 -15.59 -19.43
CA ARG A 271 -3.20 -14.78 -20.65
C ARG A 271 -3.84 -15.49 -21.86
N ILE A 272 -3.64 -16.80 -21.97
CA ILE A 272 -4.27 -17.57 -23.03
C ILE A 272 -5.80 -17.46 -22.93
N ALA A 273 -6.33 -17.60 -21.70
CA ALA A 273 -7.77 -17.43 -21.49
C ALA A 273 -8.26 -16.04 -21.88
N GLU A 274 -7.52 -15.02 -21.48
CA GLU A 274 -7.92 -13.64 -21.78
C GLU A 274 -7.92 -13.38 -23.30
N ASP A 275 -6.90 -13.88 -23.99
CA ASP A 275 -6.80 -13.70 -25.44
C ASP A 275 -7.97 -14.41 -26.12
N ALA A 276 -8.26 -15.64 -25.69
CA ALA A 276 -9.38 -16.38 -26.25
C ALA A 276 -10.73 -15.68 -26.00
N TRP A 277 -10.89 -15.13 -24.80
CA TRP A 277 -12.12 -14.45 -24.41
C TRP A 277 -12.39 -13.24 -25.30
N LYS A 278 -11.33 -12.50 -25.62
CA LYS A 278 -11.51 -11.35 -26.53
C LYS A 278 -11.92 -11.79 -27.94
N GLN A 279 -11.72 -13.06 -28.26
CA GLN A 279 -12.16 -13.58 -29.55
C GLN A 279 -13.55 -14.23 -29.47
N GLY A 280 -14.23 -14.07 -28.34
CA GLY A 280 -15.58 -14.58 -28.19
C GLY A 280 -15.65 -16.01 -27.72
N ILE A 281 -14.49 -16.58 -27.41
CA ILE A 281 -14.40 -17.95 -26.88
C ILE A 281 -14.60 -17.93 -25.35
N LYS A 282 -15.50 -18.77 -24.86
CA LYS A 282 -15.81 -18.84 -23.43
C LYS A 282 -14.83 -19.75 -22.68
N ALA A 283 -13.63 -19.22 -22.45
CA ALA A 283 -12.58 -19.93 -21.73
C ALA A 283 -12.31 -19.23 -20.41
N THR A 284 -12.32 -19.98 -19.30
CA THR A 284 -12.16 -19.40 -17.98
C THR A 284 -11.15 -20.22 -17.16
N VAL A 285 -10.16 -19.51 -16.63
CA VAL A 285 -9.26 -20.10 -15.63
C VAL A 285 -9.83 -19.85 -14.26
N TYR A 286 -10.00 -20.91 -13.50
CA TYR A 286 -10.48 -20.78 -12.13
C TYR A 286 -9.31 -20.92 -11.20
N ASN A 287 -8.92 -19.81 -10.58
CA ASN A 287 -7.80 -19.82 -9.63
C ASN A 287 -8.27 -20.36 -8.29
N CYS A 288 -7.88 -21.59 -8.01
CA CYS A 288 -8.44 -22.37 -6.88
C CYS A 288 -7.53 -22.41 -5.68
N PRO A 289 -8.07 -22.77 -4.50
CA PRO A 289 -7.21 -22.80 -3.29
C PRO A 289 -6.13 -23.86 -3.25
N GLU A 290 -5.15 -23.62 -2.37
CA GLU A 290 -4.14 -24.60 -2.00
C GLU A 290 -4.82 -25.82 -1.37
N ILE A 291 -4.53 -27.01 -1.91
CA ILE A 291 -4.97 -28.24 -1.30
C ILE A 291 -3.87 -29.28 -1.41
N ARG A 292 -4.07 -30.47 -0.82
CA ARG A 292 -3.10 -31.53 -1.00
C ARG A 292 -3.61 -32.58 -2.01
N THR A 293 -2.90 -32.66 -3.12
CA THR A 293 -3.13 -33.61 -4.20
C THR A 293 -1.81 -34.27 -4.57
N ASN A 294 -1.85 -35.17 -5.56
CA ASN A 294 -0.61 -35.73 -6.09
C ASN A 294 0.37 -34.64 -6.57
N SER A 295 -0.14 -33.54 -7.13
CA SER A 295 0.78 -32.55 -7.69
C SER A 295 1.29 -31.54 -6.65
N SER A 296 0.63 -31.43 -5.50
CA SER A 296 1.07 -30.44 -4.54
C SER A 296 1.65 -31.03 -3.25
N ASP A 297 1.65 -32.36 -3.14
CA ASP A 297 2.13 -33.02 -1.92
C ASP A 297 3.57 -32.66 -1.53
N ILE A 298 4.40 -32.39 -2.53
CA ILE A 298 5.81 -32.11 -2.29
C ILE A 298 6.02 -30.71 -1.72
N PHE A 299 5.09 -29.80 -1.99
CA PHE A 299 5.20 -28.42 -1.54
C PHE A 299 4.89 -28.37 -0.05
N VAL A 300 5.81 -28.79 0.80
CA VAL A 300 5.60 -28.74 2.24
C VAL A 300 5.28 -27.31 2.69
N GLY A 301 4.12 -27.11 3.31
CA GLY A 301 3.71 -25.80 3.76
C GLY A 301 2.57 -25.25 2.94
N VAL A 302 2.37 -25.78 1.74
CA VAL A 302 1.26 -25.31 0.92
C VAL A 302 -0.07 -25.43 1.69
N GLU A 303 -0.16 -26.49 2.48
CA GLU A 303 -1.38 -26.82 3.19
C GLU A 303 -1.66 -25.84 4.37
N LEU A 304 -0.65 -25.08 4.77
CA LEU A 304 -0.86 -24.10 5.84
C LEU A 304 -1.92 -23.12 5.44
N SER A 305 -2.05 -22.89 4.12
CA SER A 305 -3.04 -21.93 3.65
C SER A 305 -4.48 -22.42 3.79
N LEU A 306 -4.65 -23.73 3.95
CA LEU A 306 -5.97 -24.33 3.90
C LEU A 306 -6.73 -24.33 5.23
N PHE A 307 -6.01 -24.40 6.35
CA PHE A 307 -6.69 -24.52 7.66
C PHE A 307 -7.75 -23.44 7.97
N PRO A 308 -7.49 -22.17 7.58
CA PRO A 308 -8.52 -21.16 7.89
C PRO A 308 -9.85 -21.37 7.15
N LEU A 309 -9.93 -22.32 6.22
CA LEU A 309 -11.24 -22.67 5.63
C LEU A 309 -12.21 -23.04 6.74
N LEU A 310 -11.70 -23.62 7.83
CA LEU A 310 -12.57 -23.94 8.98
C LEU A 310 -13.31 -22.70 9.50
N LYS A 311 -12.58 -21.59 9.60
CA LYS A 311 -13.17 -20.37 10.11
C LYS A 311 -14.17 -19.82 9.09
N ALA A 312 -13.88 -20.04 7.81
CA ALA A 312 -14.78 -19.59 6.75
C ALA A 312 -16.07 -20.38 6.81
N LEU A 313 -15.97 -21.67 7.16
CA LEU A 313 -17.18 -22.48 7.20
C LEU A 313 -18.11 -21.90 8.26
N LYS A 314 -17.54 -21.36 9.34
CA LYS A 314 -18.38 -20.80 10.40
C LYS A 314 -18.89 -19.44 9.99
N LYS A 315 -18.04 -18.69 9.31
CA LYS A 315 -18.35 -17.31 9.00
C LYS A 315 -19.47 -17.19 7.97
N GLU A 316 -19.48 -18.13 7.02
CA GLU A 316 -20.41 -18.01 5.90
C GLU A 316 -21.74 -18.71 6.18
N ASN A 317 -22.39 -18.26 7.25
CA ASN A 317 -23.68 -18.82 7.69
C ASN A 317 -23.55 -20.32 7.99
N GLY A 318 -22.47 -20.69 8.69
CA GLY A 318 -22.29 -22.07 9.07
C GLY A 318 -23.36 -22.47 10.08
N GLY A 319 -23.79 -23.72 10.01
CA GLY A 319 -24.75 -24.24 10.97
C GLY A 319 -24.26 -25.60 11.44
N ALA A 320 -25.18 -26.57 11.53
CA ALA A 320 -24.84 -27.88 12.04
C ALA A 320 -23.78 -28.63 11.22
N TRP A 321 -23.85 -28.57 9.89
CA TRP A 321 -22.87 -29.33 9.10
C TRP A 321 -21.44 -28.78 9.31
N ALA A 322 -21.31 -27.46 9.34
CA ALA A 322 -19.99 -26.84 9.54
C ALA A 322 -19.44 -27.25 10.90
N GLU A 323 -20.31 -27.29 11.90
CA GLU A 323 -19.94 -27.70 13.23
C GLU A 323 -19.46 -29.16 13.20
N ALA A 324 -20.14 -29.99 12.43
CA ALA A 324 -19.75 -31.38 12.27
C ALA A 324 -18.36 -31.51 11.61
N GLN A 325 -18.02 -30.56 10.74
CA GLN A 325 -16.70 -30.57 10.09
C GLN A 325 -15.62 -30.22 11.10
N TRP A 326 -15.90 -29.23 11.94
CA TRP A 326 -15.00 -28.95 13.06
C TRP A 326 -14.82 -30.20 13.91
N GLN A 327 -15.91 -30.90 14.23
CA GLN A 327 -15.79 -32.11 15.06
C GLN A 327 -14.92 -33.16 14.39
N ALA A 328 -15.14 -33.34 13.09
CA ALA A 328 -14.35 -34.28 12.31
C ALA A 328 -12.85 -33.96 12.35
N CYS A 329 -12.50 -32.68 12.29
CA CYS A 329 -11.09 -32.30 12.33
C CYS A 329 -10.51 -32.45 13.74
N ARG A 330 -11.34 -32.19 14.76
CA ARG A 330 -10.92 -32.40 16.14
C ARG A 330 -10.54 -33.85 16.36
N GLU A 331 -11.35 -34.77 15.80
CA GLU A 331 -11.15 -36.19 16.06
C GLU A 331 -9.82 -36.77 15.55
N VAL A 332 -9.17 -36.16 14.57
CA VAL A 332 -7.91 -36.74 14.09
C VAL A 332 -6.67 -36.20 14.85
N LEU A 333 -6.89 -35.25 15.77
CA LEU A 333 -5.79 -34.72 16.58
C LEU A 333 -5.60 -35.54 17.87
N SER A 334 -4.36 -35.68 18.29
CA SER A 334 -4.02 -36.42 19.52
C SER A 334 -4.71 -35.77 20.70
N GLU A 335 -5.03 -36.58 21.71
CA GLU A 335 -5.56 -36.06 22.96
C GLU A 335 -4.63 -35.00 23.53
N GLY A 336 -5.18 -33.90 24.01
CA GLY A 336 -4.33 -32.86 24.57
C GLY A 336 -4.02 -31.78 23.55
N HIS A 337 -4.29 -32.05 22.28
CA HIS A 337 -4.12 -31.00 21.30
C HIS A 337 -5.49 -30.54 20.84
N THR A 338 -5.72 -29.23 20.84
CA THR A 338 -7.03 -28.74 20.43
C THR A 338 -6.99 -28.18 19.03
N LEU A 339 -8.14 -28.24 18.37
CA LEU A 339 -8.23 -27.64 17.05
C LEU A 339 -8.01 -26.13 17.14
N GLU A 340 -8.58 -25.51 18.19
CA GLU A 340 -8.31 -24.10 18.46
C GLU A 340 -6.83 -23.74 18.44
N SER A 341 -5.99 -24.51 19.14
CA SER A 341 -4.54 -24.27 19.15
C SER A 341 -3.93 -24.31 17.76
N LEU A 342 -4.39 -25.29 16.98
CA LEU A 342 -3.92 -25.42 15.60
C LEU A 342 -4.24 -24.13 14.83
N LEU A 343 -5.51 -23.73 14.89
CA LEU A 343 -5.92 -22.56 14.15
C LEU A 343 -5.24 -21.29 14.62
N GLN A 344 -4.97 -21.21 15.92
CA GLN A 344 -4.29 -20.04 16.47
C GLN A 344 -2.84 -20.00 15.98
N LYS A 345 -2.24 -21.16 15.81
CA LYS A 345 -0.88 -21.19 15.33
C LYS A 345 -0.83 -20.73 13.86
N ILE A 346 -1.89 -21.04 13.12
CA ILE A 346 -1.99 -20.49 11.75
C ILE A 346 -2.27 -18.98 11.74
N ASP A 347 -3.10 -18.48 12.66
CA ASP A 347 -3.31 -17.04 12.70
C ASP A 347 -2.01 -16.31 13.06
N ASP A 348 -1.28 -16.86 14.01
CA ASP A 348 0.02 -16.32 14.40
C ASP A 348 0.98 -16.31 13.21
N TYR A 349 0.95 -17.39 12.42
CA TYR A 349 1.76 -17.49 11.21
C TYR A 349 1.46 -16.35 10.24
N ASN A 350 0.18 -16.14 9.92
CA ASN A 350 -0.16 -15.06 8.99
C ASN A 350 0.02 -13.66 9.59
N ALA A 351 0.07 -13.57 10.91
CA ALA A 351 0.27 -12.28 11.57
C ALA A 351 1.74 -11.86 11.54
N SER A 352 2.63 -12.81 11.30
CA SER A 352 4.07 -12.57 11.36
C SER A 352 4.56 -11.64 10.24
N ASP A 353 5.54 -10.80 10.55
CA ASP A 353 6.10 -9.91 9.53
C ASP A 353 6.71 -10.68 8.37
N VAL A 354 7.36 -11.81 8.69
CA VAL A 354 7.96 -12.65 7.66
C VAL A 354 6.91 -13.08 6.62
N MET A 355 5.76 -13.57 7.09
CA MET A 355 4.72 -14.04 6.16
C MET A 355 3.99 -12.87 5.51
N LYS A 356 3.83 -11.78 6.27
CA LYS A 356 3.15 -10.62 5.71
C LYS A 356 3.92 -10.07 4.51
N GLY A 357 5.24 -10.26 4.51
CA GLY A 357 6.08 -9.82 3.41
C GLY A 357 5.82 -10.53 2.09
N PHE A 358 5.29 -11.75 2.15
CA PHE A 358 5.02 -12.51 0.93
C PHE A 358 3.61 -12.29 0.38
N ARG A 359 2.85 -11.35 0.96
CA ARG A 359 1.50 -11.04 0.46
C ARG A 359 1.56 -9.95 -0.60
N ASN A 360 2.61 -10.02 -1.41
CA ASN A 360 2.88 -9.09 -2.49
C ASN A 360 2.44 -9.71 -3.80
N PHE A 361 1.30 -9.23 -4.30
CA PHE A 361 0.69 -9.81 -5.49
C PHE A 361 1.47 -9.55 -6.76
N GLU A 362 2.02 -8.34 -6.88
CA GLU A 362 2.64 -7.95 -8.13
C GLU A 362 3.95 -8.70 -8.29
N ALA A 363 4.56 -9.06 -7.17
CA ALA A 363 5.86 -9.73 -7.18
C ALA A 363 5.77 -11.24 -7.37
N TRP A 364 4.55 -11.77 -7.41
CA TRP A 364 4.30 -13.22 -7.46
C TRP A 364 4.77 -13.89 -8.74
N PRO A 365 5.40 -15.07 -8.63
CA PRO A 365 5.83 -15.77 -7.40
C PRO A 365 7.16 -15.25 -6.88
N MET A 366 7.24 -15.00 -5.59
CA MET A 366 8.49 -14.50 -5.01
C MET A 366 9.50 -15.62 -4.76
N PRO A 367 10.80 -15.27 -4.75
CA PRO A 367 11.80 -16.25 -4.30
C PRO A 367 11.61 -16.61 -2.82
N ASN A 368 11.94 -17.84 -2.42
CA ASN A 368 11.84 -18.17 -1.02
C ASN A 368 13.09 -17.64 -0.30
N THR A 369 13.11 -17.76 1.02
CA THR A 369 14.25 -17.32 1.83
C THR A 369 14.45 -18.31 2.96
N ALA A 370 15.60 -18.24 3.61
CA ALA A 370 15.87 -19.10 4.75
C ALA A 370 14.87 -18.88 5.89
N GLU A 371 14.51 -17.62 6.14
CA GLU A 371 13.54 -17.27 7.19
C GLU A 371 12.16 -17.90 6.89
N LEU A 372 11.78 -17.79 5.63
CA LEU A 372 10.51 -18.36 5.17
C LEU A 372 10.53 -19.87 5.41
N ALA A 373 11.61 -20.51 4.97
CA ALA A 373 11.78 -21.95 5.14
C ALA A 373 11.66 -22.38 6.59
N ASP A 374 12.30 -21.64 7.48
CA ASP A 374 12.27 -22.02 8.88
C ASP A 374 10.85 -21.96 9.41
N ILE A 375 10.17 -20.84 9.17
CA ILE A 375 8.85 -20.71 9.77
C ILE A 375 7.79 -21.60 9.09
N MET A 376 7.88 -21.74 7.77
CA MET A 376 6.87 -22.52 7.02
C MET A 376 7.06 -24.02 7.27
N ILE A 377 8.28 -24.50 7.13
CA ILE A 377 8.51 -25.93 7.34
C ILE A 377 8.37 -26.28 8.82
N GLY A 378 8.84 -25.39 9.70
CA GLY A 378 8.69 -25.61 11.12
C GLY A 378 7.23 -25.71 11.52
N THR A 379 6.43 -24.75 11.05
CA THR A 379 5.00 -24.73 11.39
C THR A 379 4.27 -25.96 10.81
N SER A 380 4.56 -26.26 9.56
CA SER A 380 3.93 -27.42 8.92
C SER A 380 4.23 -28.72 9.69
N ASP A 381 5.49 -28.90 10.05
CA ASP A 381 5.94 -30.06 10.81
C ASP A 381 5.24 -30.15 12.17
N GLU A 382 5.18 -29.04 12.90
CA GLU A 382 4.52 -28.99 14.21
C GLU A 382 3.05 -29.41 14.14
N ILE A 383 2.37 -28.88 13.13
CA ILE A 383 0.94 -29.20 13.01
C ILE A 383 0.78 -30.68 12.66
N THR A 384 1.58 -31.19 11.75
CA THR A 384 1.51 -32.63 11.48
C THR A 384 1.75 -33.47 12.73
N LYS A 385 2.65 -33.02 13.61
CA LYS A 385 2.90 -33.81 14.81
C LYS A 385 1.78 -33.67 15.84
N MET A 386 0.84 -32.75 15.60
CA MET A 386 -0.37 -32.72 16.44
C MET A 386 -1.36 -33.86 16.20
N HIS A 387 -1.13 -34.65 15.15
CA HIS A 387 -2.11 -35.65 14.72
C HIS A 387 -1.90 -37.03 15.35
N LYS A 388 -3.00 -37.73 15.59
CA LYS A 388 -2.94 -39.11 16.08
C LYS A 388 -2.10 -39.94 15.13
N SER A 389 -2.35 -39.76 13.84
CA SER A 389 -1.69 -40.50 12.78
C SER A 389 -1.38 -39.61 11.59
N ARG A 390 -0.16 -39.70 11.08
CA ARG A 390 0.29 -38.87 9.96
C ARG A 390 -0.36 -39.30 8.64
N ASP A 391 -1.22 -40.32 8.68
CA ASP A 391 -1.97 -40.77 7.52
C ASP A 391 -3.44 -40.38 7.59
N ALA A 392 -3.82 -39.68 8.65
CA ALA A 392 -5.16 -39.16 8.78
C ALA A 392 -5.07 -37.70 9.27
N LEU A 393 -5.07 -36.79 8.30
CA LEU A 393 -4.78 -35.39 8.56
C LEU A 393 -6.00 -34.51 8.44
N VAL A 394 -6.00 -33.40 9.19
CA VAL A 394 -6.99 -32.36 9.02
C VAL A 394 -7.03 -31.90 7.54
N THR A 395 -5.86 -31.77 6.92
CA THR A 395 -5.83 -31.31 5.55
C THR A 395 -6.47 -32.30 4.59
N ASP A 396 -6.50 -33.59 4.93
CA ASP A 396 -7.21 -34.58 4.10
C ASP A 396 -8.72 -34.21 4.05
N VAL A 397 -9.29 -34.01 5.24
CA VAL A 397 -10.69 -33.62 5.35
C VAL A 397 -10.95 -32.33 4.57
N LEU A 398 -10.10 -31.33 4.80
CA LEU A 398 -10.36 -30.02 4.19
C LEU A 398 -10.12 -30.01 2.67
N SER A 399 -9.12 -30.74 2.19
CA SER A 399 -8.87 -30.83 0.75
C SER A 399 -10.08 -31.48 0.08
N ALA A 400 -10.62 -32.56 0.69
CA ALA A 400 -11.85 -33.15 0.11
C ALA A 400 -13.02 -32.15 0.08
N LEU A 401 -13.14 -31.31 1.12
CA LEU A 401 -14.19 -30.29 1.10
C LEU A 401 -14.02 -29.30 -0.05
N VAL A 402 -12.77 -28.89 -0.30
CA VAL A 402 -12.52 -27.94 -1.39
C VAL A 402 -12.83 -28.58 -2.76
N LEU A 403 -12.49 -29.85 -2.95
CA LEU A 403 -12.94 -30.55 -4.18
C LEU A 403 -14.46 -30.45 -4.36
N GLU A 404 -15.13 -30.82 -3.27
CA GLU A 404 -16.59 -30.85 -3.22
C GLU A 404 -17.22 -29.50 -3.51
N GLY A 405 -16.62 -28.41 -3.02
CA GLY A 405 -17.17 -27.08 -3.20
C GLY A 405 -16.84 -26.45 -4.55
N THR A 406 -15.62 -26.66 -5.01
CA THR A 406 -15.19 -26.05 -6.28
C THR A 406 -15.91 -26.70 -7.46
N GLY A 407 -16.31 -27.97 -7.30
CA GLY A 407 -17.02 -28.69 -8.34
C GLY A 407 -18.22 -27.95 -8.91
N PRO A 408 -19.24 -27.73 -8.08
CA PRO A 408 -20.44 -27.03 -8.53
C PRO A 408 -20.15 -25.57 -8.85
N LEU A 409 -19.23 -24.93 -8.14
CA LEU A 409 -18.88 -23.57 -8.50
C LEU A 409 -18.41 -23.49 -9.96
N MET A 410 -17.44 -24.33 -10.35
CA MET A 410 -16.92 -24.26 -11.70
C MET A 410 -17.99 -24.74 -12.71
N PHE A 411 -18.70 -25.81 -12.34
CA PHE A 411 -19.70 -26.37 -13.27
C PHE A 411 -20.79 -25.36 -13.57
N HIS A 412 -21.30 -24.68 -12.53
CA HIS A 412 -22.38 -23.72 -12.76
C HIS A 412 -21.88 -22.38 -13.32
N GLU A 413 -20.74 -21.89 -12.85
CA GLU A 413 -20.22 -20.65 -13.41
C GLU A 413 -19.95 -20.82 -14.91
N SER A 414 -19.51 -22.01 -15.32
CA SER A 414 -19.21 -22.19 -16.75
C SER A 414 -20.45 -22.14 -17.61
N SER A 415 -21.64 -22.34 -17.06
CA SER A 415 -22.81 -22.15 -17.92
C SER A 415 -22.94 -20.70 -18.34
N ASN A 416 -22.54 -19.77 -17.47
CA ASN A 416 -22.60 -18.35 -17.78
C ASN A 416 -21.47 -17.59 -17.08
N PRO A 417 -20.26 -17.72 -17.60
CA PRO A 417 -19.09 -17.22 -16.88
C PRO A 417 -18.92 -15.69 -16.87
N ALA A 418 -18.49 -15.16 -15.72
CA ALA A 418 -18.32 -13.71 -15.59
C ALA A 418 -17.11 -13.19 -16.36
N GLY A 419 -16.10 -14.04 -16.56
CA GLY A 419 -14.89 -13.57 -17.21
C GLY A 419 -13.88 -14.67 -17.47
N PRO A 420 -12.76 -14.30 -18.09
CA PRO A 420 -11.74 -15.30 -18.46
C PRO A 420 -10.91 -15.83 -17.28
N VAL A 421 -10.85 -15.08 -16.17
CA VAL A 421 -10.05 -15.47 -15.01
C VAL A 421 -10.81 -15.12 -13.74
N LEU A 422 -11.08 -16.13 -12.91
CA LEU A 422 -11.87 -15.96 -11.71
C LEU A 422 -11.24 -16.69 -10.54
N TRP A 423 -11.15 -16.02 -9.41
CA TRP A 423 -10.66 -16.66 -8.20
C TRP A 423 -11.82 -17.29 -7.41
N LEU A 424 -11.63 -18.54 -7.01
CA LEU A 424 -12.51 -19.21 -6.06
C LEU A 424 -11.78 -19.26 -4.73
N SER A 425 -12.04 -18.30 -3.84
CA SER A 425 -11.33 -18.29 -2.55
C SER A 425 -12.19 -18.94 -1.45
N HIS A 426 -11.71 -18.92 -0.20
CA HIS A 426 -12.40 -19.63 0.86
C HIS A 426 -13.81 -19.13 1.10
N ASP A 427 -14.05 -17.85 0.82
CA ASP A 427 -15.36 -17.28 1.08
C ASP A 427 -16.46 -17.94 0.24
N VAL A 428 -16.26 -17.95 -1.07
CA VAL A 428 -17.31 -18.48 -1.94
C VAL A 428 -17.38 -20.01 -1.86
N ILE A 429 -16.26 -20.66 -1.56
CA ILE A 429 -16.29 -22.10 -1.39
C ILE A 429 -17.04 -22.49 -0.10
N ALA A 430 -16.85 -21.71 0.97
CA ALA A 430 -17.58 -21.96 2.20
C ALA A 430 -19.07 -21.70 2.00
N LYS A 431 -19.42 -20.64 1.29
CA LYS A 431 -20.84 -20.38 0.96
C LYS A 431 -21.47 -21.56 0.22
N GLN A 432 -20.78 -22.02 -0.83
CA GLN A 432 -21.24 -23.18 -1.60
C GLN A 432 -21.39 -24.43 -0.69
N LEU A 433 -20.42 -24.69 0.17
CA LEU A 433 -20.47 -25.92 0.96
C LEU A 433 -21.59 -25.86 2.03
N ASN A 434 -21.79 -24.69 2.62
CA ASN A 434 -22.85 -24.57 3.62
C ASN A 434 -24.20 -24.69 2.94
N LEU A 435 -24.31 -24.16 1.71
CA LEU A 435 -25.57 -24.20 1.00
C LEU A 435 -25.94 -25.62 0.57
N MET A 436 -24.97 -26.36 0.03
CA MET A 436 -25.13 -27.78 -0.30
C MET A 436 -25.57 -28.63 0.84
N HIS A 437 -25.22 -28.24 2.07
CA HIS A 437 -25.49 -29.08 3.22
C HIS A 437 -26.55 -28.46 4.11
N ARG A 438 -27.39 -27.59 3.55
CA ARG A 438 -28.36 -26.85 4.34
C ARG A 438 -29.40 -27.76 5.00
N LEU A 439 -29.53 -28.99 4.50
CA LEU A 439 -30.51 -29.91 5.04
C LEU A 439 -29.91 -30.98 5.96
N GLU A 440 -28.59 -30.98 6.09
CA GLU A 440 -27.95 -31.93 7.00
C GLU A 440 -27.76 -31.25 8.35
N HIS A 441 -28.61 -31.61 9.31
CA HIS A 441 -28.59 -30.99 10.63
C HIS A 441 -27.95 -31.90 11.67
N HIS A 442 -27.79 -31.36 12.89
CA HIS A 442 -27.27 -32.10 14.04
C HIS A 442 -25.96 -32.84 13.74
N MET B 1 -23.50 -5.95 8.71
CA MET B 1 -24.87 -6.39 8.47
C MET B 1 -24.98 -7.02 7.08
N LYS B 2 -25.95 -7.92 6.91
CA LYS B 2 -26.11 -8.61 5.63
C LYS B 2 -27.29 -8.02 4.85
N SER B 3 -27.98 -7.06 5.47
CA SER B 3 -29.03 -6.31 4.79
C SER B 3 -29.27 -4.98 5.48
N PRO B 4 -29.90 -4.02 4.78
CA PRO B 4 -30.16 -2.72 5.43
C PRO B 4 -30.98 -2.88 6.70
N ILE B 5 -30.73 -2.00 7.67
CA ILE B 5 -31.49 -1.93 8.90
C ILE B 5 -32.29 -0.62 8.86
N PRO B 6 -33.54 -0.70 8.41
CA PRO B 6 -34.30 0.53 8.14
C PRO B 6 -34.88 1.17 9.39
N LEU B 7 -34.91 2.50 9.42
CA LEU B 7 -35.80 3.21 10.32
C LEU B 7 -37.12 3.41 9.59
N ARG B 8 -38.21 2.84 10.13
CA ARG B 8 -39.48 2.93 9.42
C ARG B 8 -40.42 3.98 10.00
N ASP B 9 -40.38 4.15 11.32
CA ASP B 9 -41.30 5.01 12.03
C ASP B 9 -40.67 6.35 12.35
N VAL B 10 -41.46 7.41 12.23
CA VAL B 10 -41.03 8.74 12.60
C VAL B 10 -40.87 8.83 14.10
N PRO B 11 -39.67 9.19 14.57
CA PRO B 11 -39.44 9.32 16.01
C PRO B 11 -40.14 10.53 16.59
N GLN B 12 -40.58 10.41 17.84
CA GLN B 12 -41.37 11.47 18.46
C GLN B 12 -40.80 11.96 19.79
N SER B 13 -39.68 11.41 20.26
CA SER B 13 -39.18 11.82 21.57
C SER B 13 -38.03 12.84 21.48
N ASN B 14 -37.88 13.64 22.54
CA ASN B 14 -36.80 14.61 22.62
C ASN B 14 -36.43 14.82 24.07
N ILE B 15 -35.14 14.73 24.36
CA ILE B 15 -34.63 15.02 25.70
C ILE B 15 -33.86 16.33 25.75
N PHE B 16 -33.63 16.96 24.60
CA PHE B 16 -32.72 18.10 24.60
C PHE B 16 -33.41 19.42 24.86
N ARG B 17 -32.75 20.26 25.66
CA ARG B 17 -33.36 21.51 26.10
C ARG B 17 -32.31 22.61 26.17
N LYS B 18 -32.74 23.83 26.44
CA LYS B 18 -31.84 24.94 26.73
C LYS B 18 -30.78 24.50 27.74
N GLY B 19 -29.50 24.77 27.43
CA GLY B 19 -28.41 24.41 28.33
C GLY B 19 -27.67 23.16 27.89
N ASP B 20 -28.36 22.28 27.15
CA ASP B 20 -27.72 21.10 26.57
C ASP B 20 -26.84 21.57 25.40
N VAL B 21 -25.82 20.79 25.09
CA VAL B 21 -24.78 21.26 24.18
C VAL B 21 -24.69 20.38 22.93
N PHE B 22 -24.77 21.03 21.77
CA PHE B 22 -24.65 20.35 20.49
C PHE B 22 -23.29 20.66 19.90
N VAL B 23 -22.52 19.62 19.59
CA VAL B 23 -21.16 19.81 19.10
C VAL B 23 -21.06 19.33 17.64
N LEU B 24 -20.79 20.24 16.71
CA LEU B 24 -20.60 19.86 15.30
C LEU B 24 -19.16 19.42 15.08
N PHE B 25 -18.97 18.13 14.89
CA PHE B 25 -17.63 17.57 14.72
C PHE B 25 -17.37 17.48 13.21
N GLY B 26 -17.09 18.64 12.62
CA GLY B 26 -17.00 18.80 11.17
C GLY B 26 -17.34 20.26 10.91
N GLU B 27 -17.12 20.72 9.69
CA GLU B 27 -17.46 22.11 9.36
C GLU B 27 -18.77 22.19 8.58
N LEU B 28 -19.49 23.30 8.79
CA LEU B 28 -20.80 23.48 8.17
C LEU B 28 -20.65 24.26 6.86
N PHE B 29 -21.14 23.67 5.78
CA PHE B 29 -21.15 24.33 4.48
C PHE B 29 -22.58 24.44 3.92
N GLY B 30 -22.81 25.38 3.03
CA GLY B 30 -24.09 25.46 2.33
C GLY B 30 -24.34 24.15 1.60
N ARG B 31 -25.59 23.72 1.66
CA ARG B 31 -26.12 22.47 1.08
C ARG B 31 -25.67 21.22 1.83
N GLY B 32 -24.81 21.36 2.83
CA GLY B 32 -24.37 20.19 3.58
C GLY B 32 -25.47 19.55 4.38
N TYR B 33 -25.41 18.21 4.48
CA TYR B 33 -26.39 17.47 5.27
C TYR B 33 -26.59 18.03 6.67
N ALA B 34 -25.47 18.42 7.30
CA ALA B 34 -25.51 18.82 8.71
C ALA B 34 -26.45 20.00 8.98
N ASN B 35 -26.74 20.82 7.97
CA ASN B 35 -27.70 21.91 8.14
C ASN B 35 -29.03 21.43 8.74
N GLY B 36 -29.52 20.28 8.27
CA GLY B 36 -30.80 19.78 8.79
C GLY B 36 -30.76 19.59 10.29
N LEU B 37 -29.70 18.94 10.76
CA LEU B 37 -29.59 18.55 12.14
C LEU B 37 -29.29 19.76 13.03
N ILE B 38 -28.34 20.58 12.61
CA ILE B 38 -27.96 21.73 13.42
C ILE B 38 -29.15 22.71 13.55
N ASN B 39 -29.97 22.86 12.50
CA ASN B 39 -31.13 23.74 12.67
C ASN B 39 -32.10 23.18 13.71
N GLU B 40 -32.26 21.85 13.79
CA GLU B 40 -33.09 21.25 14.85
C GLU B 40 -32.50 21.57 16.22
N ALA B 41 -31.18 21.42 16.33
CA ALA B 41 -30.54 21.67 17.61
C ALA B 41 -30.75 23.14 18.01
N ARG B 42 -30.70 24.02 17.02
CA ARG B 42 -30.87 25.44 17.30
C ARG B 42 -32.30 25.67 17.78
N ASP B 43 -33.28 25.03 17.13
CA ASP B 43 -34.65 25.38 17.49
C ASP B 43 -35.04 24.76 18.82
N ALA B 44 -34.30 23.74 19.25
CA ALA B 44 -34.55 23.14 20.55
C ALA B 44 -33.90 23.97 21.67
N GLY B 45 -33.13 24.99 21.31
CA GLY B 45 -32.51 25.87 22.28
C GLY B 45 -31.16 25.38 22.79
N MET B 46 -30.56 24.46 22.07
CA MET B 46 -29.25 23.96 22.48
C MET B 46 -28.15 24.97 22.22
N THR B 47 -27.12 24.94 23.06
CA THR B 47 -25.87 25.67 22.81
C THR B 47 -25.09 25.01 21.67
N ILE B 48 -24.75 25.81 20.66
CA ILE B 48 -24.11 25.30 19.45
C ILE B 48 -22.62 25.55 19.51
N VAL B 49 -21.83 24.49 19.38
CA VAL B 49 -20.38 24.57 19.39
C VAL B 49 -19.87 23.78 18.20
N GLY B 50 -18.76 24.21 17.60
CA GLY B 50 -18.19 23.45 16.50
C GLY B 50 -16.68 23.45 16.48
N ILE B 51 -16.12 22.61 15.62
CA ILE B 51 -14.69 22.57 15.43
C ILE B 51 -14.32 23.33 14.15
N THR B 52 -13.01 23.55 13.98
CA THR B 52 -12.46 24.07 12.74
C THR B 52 -11.35 23.14 12.28
N VAL B 53 -11.12 23.08 10.97
CA VAL B 53 -9.98 22.32 10.48
C VAL B 53 -8.74 23.22 10.46
N GLY B 54 -8.91 24.50 10.80
CA GLY B 54 -7.78 25.42 10.77
C GLY B 54 -7.42 25.86 9.35
N ARG B 55 -6.21 26.37 9.19
CA ARG B 55 -5.69 26.78 7.87
C ARG B 55 -4.27 26.28 7.69
N ARG B 56 -3.74 26.42 6.47
CA ARG B 56 -2.34 26.11 6.22
C ARG B 56 -1.57 27.43 6.16
N ASP B 57 -0.43 27.52 6.85
CA ASP B 57 0.40 28.74 6.76
C ASP B 57 1.20 28.67 5.46
N GLU B 58 2.12 29.60 5.28
CA GLU B 58 2.80 29.65 3.99
C GLU B 58 3.90 28.59 3.89
N ASN B 59 4.19 27.91 5.01
CA ASN B 59 4.99 26.70 4.97
C ASN B 59 4.10 25.45 4.91
N ASN B 60 2.83 25.69 4.62
CA ASN B 60 1.82 24.65 4.43
C ASN B 60 1.67 23.82 5.71
N ALA B 61 1.94 24.45 6.85
CA ALA B 61 1.78 23.83 8.17
C ALA B 61 0.43 24.27 8.74
N LEU B 62 -0.22 23.40 9.52
CA LEU B 62 -1.51 23.74 10.09
C LEU B 62 -1.38 24.88 11.10
N ARG B 63 -2.33 25.80 11.09
CA ARG B 63 -2.39 26.88 12.07
C ARG B 63 -3.84 27.14 12.54
N ALA B 64 -3.96 27.70 13.74
CA ALA B 64 -5.27 28.10 14.23
C ALA B 64 -5.76 29.27 13.41
N LEU B 65 -7.05 29.55 13.49
CA LEU B 65 -7.66 30.66 12.77
C LEU B 65 -7.21 31.98 13.38
N THR B 66 -7.12 33.02 12.54
CA THR B 66 -6.90 34.36 13.04
C THR B 66 -8.19 34.85 13.67
N ALA B 67 -8.14 35.97 14.38
CA ALA B 67 -9.34 36.52 15.00
C ALA B 67 -10.46 36.74 13.96
N GLU B 68 -10.12 37.36 12.83
CA GLU B 68 -11.12 37.60 11.78
C GLU B 68 -11.66 36.28 11.19
N GLU B 69 -10.75 35.36 10.86
CA GLU B 69 -11.15 34.04 10.36
C GLU B 69 -12.11 33.37 11.36
N LEU B 70 -11.76 33.44 12.64
CA LEU B 70 -12.56 32.85 13.69
C LEU B 70 -13.95 33.48 13.76
N ALA B 71 -14.01 34.80 13.61
CA ALA B 71 -15.30 35.48 13.64
C ALA B 71 -16.19 35.01 12.48
N THR B 72 -15.59 34.91 11.29
CA THR B 72 -16.30 34.41 10.12
C THR B 72 -16.83 32.98 10.34
N ALA B 73 -15.96 32.10 10.85
CA ALA B 73 -16.33 30.71 11.12
C ALA B 73 -17.47 30.62 12.12
N GLU B 74 -17.43 31.44 13.17
CA GLU B 74 -18.50 31.42 14.17
C GLU B 74 -19.80 31.96 13.59
N ALA B 75 -19.70 32.94 12.68
CA ALA B 75 -20.90 33.46 12.05
C ALA B 75 -21.51 32.41 11.14
N ASN B 76 -20.67 31.65 10.44
CA ASN B 76 -21.17 30.61 9.56
C ASN B 76 -21.80 29.43 10.31
N LEU B 77 -21.19 29.06 11.45
CA LEU B 77 -21.73 27.98 12.25
C LEU B 77 -22.98 28.44 12.99
N GLY B 78 -22.96 29.68 13.44
CA GLY B 78 -24.04 30.17 14.28
C GLY B 78 -23.78 29.65 15.67
N GLY B 79 -22.54 29.71 16.11
CA GLY B 79 -22.15 29.24 17.43
C GLY B 79 -20.66 29.44 17.71
N ARG B 80 -20.20 28.95 18.86
CA ARG B 80 -18.79 29.08 19.21
C ARG B 80 -17.91 28.05 18.53
N ILE B 81 -16.75 28.47 18.05
CA ILE B 81 -15.79 27.57 17.41
C ILE B 81 -14.59 27.43 18.33
N ILE B 82 -14.19 26.18 18.61
CA ILE B 82 -13.00 25.92 19.41
C ILE B 82 -11.78 25.98 18.48
N ASN B 83 -10.90 26.94 18.72
CA ASN B 83 -9.88 27.28 17.71
C ASN B 83 -8.63 26.40 17.80
N VAL B 84 -8.80 25.15 17.34
CA VAL B 84 -7.73 24.16 17.23
C VAL B 84 -7.83 23.56 15.84
N PRO B 85 -6.71 23.54 15.09
CA PRO B 85 -6.81 23.04 13.70
C PRO B 85 -6.97 21.54 13.63
N LEU B 86 -8.23 21.11 13.55
CA LEU B 86 -8.58 19.70 13.62
C LEU B 86 -8.78 19.09 12.23
N MET B 87 -7.80 19.25 11.33
CA MET B 87 -7.91 18.67 10.01
C MET B 87 -7.50 17.19 10.11
N ALA B 88 -8.39 16.32 9.63
CA ALA B 88 -8.14 14.89 9.63
C ALA B 88 -7.37 14.45 8.37
N GLY B 89 -6.88 13.22 8.40
CA GLY B 89 -6.08 12.70 7.30
C GLY B 89 -4.60 12.90 7.54
N PHE B 90 -3.77 12.26 6.73
CA PHE B 90 -2.34 12.36 6.94
C PHE B 90 -1.57 12.70 5.67
N ASP B 91 -2.29 13.14 4.64
CA ASP B 91 -1.67 13.41 3.33
C ASP B 91 -0.65 14.54 3.40
N LEU B 92 -0.71 15.39 4.42
CA LEU B 92 0.29 16.43 4.57
C LEU B 92 1.05 16.32 5.89
N ASP B 93 1.06 15.13 6.48
CA ASP B 93 1.81 14.86 7.69
C ASP B 93 3.08 14.07 7.39
N ALA B 94 4.12 14.27 8.20
CA ALA B 94 5.38 13.55 8.04
C ALA B 94 6.24 13.74 9.28
N PRO B 95 7.18 12.81 9.51
CA PRO B 95 8.20 13.08 10.54
C PRO B 95 8.97 14.34 10.16
N ALA B 96 9.47 15.07 11.17
CA ALA B 96 10.11 16.36 10.96
C ALA B 96 11.11 16.32 9.81
N GLY B 97 10.93 17.23 8.85
CA GLY B 97 11.85 17.39 7.75
C GLY B 97 11.73 16.38 6.63
N GLU B 98 10.74 15.49 6.70
CA GLU B 98 10.71 14.41 5.72
C GLU B 98 9.53 14.64 4.75
N PRO B 99 9.55 14.04 3.55
CA PRO B 99 8.45 14.30 2.63
C PRO B 99 7.10 13.78 3.14
N THR B 100 6.03 14.45 2.74
CA THR B 100 4.68 14.01 3.04
C THR B 100 4.23 13.00 1.99
N PRO B 101 3.12 12.29 2.23
CA PRO B 101 2.61 11.47 1.14
C PRO B 101 2.32 12.28 -0.12
N THR B 102 1.83 13.49 0.08
CA THR B 102 1.55 14.39 -1.03
C THR B 102 2.82 14.72 -1.83
N ASP B 103 3.92 14.97 -1.11
CA ASP B 103 5.23 15.17 -1.74
C ASP B 103 5.60 13.95 -2.58
N LEU B 104 5.27 12.75 -2.07
CA LEU B 104 5.58 11.51 -2.77
C LEU B 104 4.77 11.37 -4.04
N LEU B 105 3.69 12.15 -4.11
CA LEU B 105 2.88 12.15 -5.33
C LEU B 105 3.34 13.18 -6.38
N ALA B 106 4.29 14.04 -6.00
CA ALA B 106 4.63 15.25 -6.76
C ALA B 106 5.05 15.02 -8.22
N ASP B 107 5.59 13.84 -8.52
CA ASP B 107 6.07 13.60 -9.88
C ASP B 107 5.21 12.64 -10.68
N MET B 108 4.02 12.33 -10.17
CA MET B 108 3.05 11.56 -10.94
C MET B 108 2.43 12.36 -12.07
N THR B 109 2.30 11.70 -13.22
CA THR B 109 1.69 12.30 -14.39
C THR B 109 0.52 11.43 -14.82
N LEU B 110 -0.26 11.89 -15.79
CA LEU B 110 -1.38 11.08 -16.27
C LEU B 110 -0.92 9.77 -16.89
N LYS B 111 0.27 9.78 -17.51
CA LYS B 111 0.79 8.53 -18.08
C LYS B 111 1.34 7.57 -17.03
N SER B 112 1.90 8.10 -15.95
CA SER B 112 2.70 7.29 -15.04
C SER B 112 1.96 6.82 -13.78
N TRP B 113 0.86 7.50 -13.44
CA TRP B 113 0.29 7.32 -12.10
C TRP B 113 -0.19 5.89 -11.81
N GLN B 114 -0.65 5.17 -12.82
CA GLN B 114 -1.22 3.84 -12.58
C GLN B 114 -0.15 2.82 -12.18
N ASP B 115 1.07 3.04 -12.65
CA ASP B 115 2.14 2.09 -12.41
C ASP B 115 3.15 2.59 -11.39
N ASP B 116 3.08 3.87 -11.04
CA ASP B 116 4.00 4.44 -10.05
C ASP B 116 3.81 3.73 -8.72
N LYS B 117 4.91 3.52 -8.03
CA LYS B 117 4.92 2.75 -6.80
C LYS B 117 5.26 3.67 -5.64
N LEU B 118 4.71 3.40 -4.46
CA LEU B 118 4.98 4.25 -3.31
C LEU B 118 5.80 3.53 -2.24
N ASP B 119 6.63 4.29 -1.54
CA ASP B 119 7.35 3.78 -0.37
C ASP B 119 6.39 3.61 0.81
N TRP B 120 5.86 2.40 1.00
CA TRP B 120 4.82 2.18 2.01
C TRP B 120 5.32 2.23 3.45
N ALA B 121 6.61 1.96 3.68
CA ALA B 121 7.18 2.09 5.02
C ALA B 121 7.10 3.57 5.47
N HIS B 122 7.49 4.46 4.56
CA HIS B 122 7.45 5.88 4.80
C HIS B 122 6.00 6.37 4.95
N ILE B 123 5.12 5.84 4.12
CA ILE B 123 3.71 6.23 4.16
C ILE B 123 3.18 5.86 5.53
N GLU B 124 3.57 4.70 6.04
CA GLU B 124 3.13 4.29 7.36
C GLU B 124 3.64 5.22 8.46
N LYS B 125 4.90 5.64 8.38
CA LYS B 125 5.40 6.65 9.33
C LYS B 125 4.58 7.96 9.31
N CYS B 126 4.26 8.42 8.11
CA CYS B 126 3.42 9.62 7.95
C CYS B 126 2.02 9.42 8.56
N ARG B 127 1.42 8.25 8.33
CA ARG B 127 0.12 7.96 8.91
C ARG B 127 0.16 7.99 10.42
N ALA B 128 1.18 7.37 11.02
CA ALA B 128 1.32 7.40 12.46
C ALA B 128 1.41 8.83 13.00
N VAL B 129 2.27 9.65 12.38
CA VAL B 129 2.37 11.07 12.77
C VAL B 129 1.02 11.79 12.66
N GLY B 130 0.31 11.55 11.56
CA GLY B 130 -0.98 12.19 11.36
C GLY B 130 -2.04 11.79 12.36
N VAL B 131 -2.08 10.50 12.68
CA VAL B 131 -3.08 9.99 13.60
C VAL B 131 -2.80 10.57 14.99
N GLN B 132 -1.52 10.66 15.34
CA GLN B 132 -1.21 11.18 16.66
C GLN B 132 -1.51 12.68 16.73
N ARG B 133 -1.26 13.39 15.63
CA ARG B 133 -1.65 14.80 15.56
C ARG B 133 -3.14 15.00 15.76
N PHE B 134 -3.95 14.20 15.07
CA PHE B 134 -5.41 14.35 15.21
C PHE B 134 -5.85 14.00 16.64
N LYS B 135 -5.29 12.95 17.23
CA LYS B 135 -5.63 12.62 18.63
C LYS B 135 -5.27 13.75 19.61
N ASP B 136 -4.10 14.34 19.42
CA ASP B 136 -3.66 15.44 20.26
C ASP B 136 -4.61 16.63 20.10
N GLY B 137 -5.02 16.86 18.85
CA GLY B 137 -5.98 17.91 18.57
C GLY B 137 -7.31 17.67 19.27
N VAL B 138 -7.81 16.45 19.18
CA VAL B 138 -9.09 16.12 19.81
C VAL B 138 -8.95 16.33 21.32
N ALA B 139 -7.81 15.98 21.90
CA ALA B 139 -7.61 16.19 23.35
C ALA B 139 -7.64 17.66 23.74
N LYS B 140 -6.93 18.50 22.98
CA LYS B 140 -7.02 19.96 23.16
C LYS B 140 -8.46 20.48 23.10
N VAL B 141 -9.18 20.06 22.05
CA VAL B 141 -10.55 20.50 21.84
C VAL B 141 -11.47 20.04 22.99
N MET B 142 -11.30 18.81 23.42
CA MET B 142 -12.13 18.24 24.47
C MET B 142 -11.82 18.88 25.81
N ALA B 143 -10.55 19.23 26.02
CA ALA B 143 -10.14 19.94 27.23
C ALA B 143 -10.86 21.26 27.29
N GLU B 144 -10.95 21.95 26.15
CA GLU B 144 -11.71 23.19 26.12
C GLU B 144 -13.24 23.01 26.24
N LEU B 145 -13.78 22.00 25.58
CA LEU B 145 -15.21 21.74 25.60
C LEU B 145 -15.71 21.35 26.99
N ASP B 146 -14.89 20.59 27.69
CA ASP B 146 -15.27 20.08 29.01
C ASP B 146 -15.72 21.20 29.92
N GLY B 147 -15.06 22.34 29.85
CA GLY B 147 -15.42 23.48 30.68
C GLY B 147 -16.71 24.13 30.26
N MET B 148 -17.19 23.80 29.07
CA MET B 148 -18.41 24.40 28.53
C MET B 148 -19.67 23.56 28.75
N ILE B 149 -19.51 22.32 29.18
CA ILE B 149 -20.68 21.44 29.35
C ILE B 149 -20.87 21.19 30.82
N PRO B 150 -21.90 21.81 31.42
CA PRO B 150 -22.02 21.68 32.88
C PRO B 150 -22.47 20.29 33.30
N ASP B 151 -22.17 19.90 34.53
CA ASP B 151 -22.76 18.70 35.12
C ASP B 151 -24.27 18.73 34.91
N GLY B 152 -24.82 17.58 34.57
CA GLY B 152 -26.26 17.48 34.42
C GLY B 152 -26.72 17.72 32.99
N ALA B 153 -25.84 18.25 32.16
CA ALA B 153 -26.24 18.55 30.76
C ALA B 153 -26.29 17.30 29.89
N ASN B 154 -27.08 17.38 28.81
CA ASN B 154 -27.04 16.40 27.73
C ASN B 154 -26.10 16.91 26.65
N ALA B 155 -25.37 16.01 26.01
CA ALA B 155 -24.48 16.41 24.94
C ALA B 155 -24.74 15.60 23.69
N PHE B 156 -24.71 16.26 22.54
CA PHE B 156 -25.02 15.63 21.26
C PHE B 156 -23.80 15.93 20.36
N PHE B 157 -23.00 14.90 20.07
CA PHE B 157 -21.82 15.04 19.22
C PHE B 157 -22.20 14.58 17.82
N ALA B 158 -22.20 15.49 16.84
CA ALA B 158 -22.62 15.13 15.47
C ALA B 158 -21.43 15.13 14.52
N HIS B 159 -21.02 13.93 14.15
CA HIS B 159 -19.88 13.74 13.26
C HIS B 159 -20.34 13.91 11.82
N THR B 160 -19.54 14.61 11.02
CA THR B 160 -19.88 14.82 9.59
C THR B 160 -18.74 14.53 8.64
N MET B 161 -17.57 14.22 9.19
CA MET B 161 -16.33 14.26 8.38
C MET B 161 -16.25 13.16 7.35
N ALA B 162 -15.93 13.55 6.11
CA ALA B 162 -15.67 12.59 5.05
C ALA B 162 -14.75 13.27 4.05
N GLY B 163 -13.80 12.51 3.51
CA GLY B 163 -12.88 13.06 2.52
C GLY B 163 -11.57 12.31 2.57
N GLY B 164 -10.48 12.99 2.20
CA GLY B 164 -9.16 12.40 2.25
C GLY B 164 -8.46 12.29 0.90
N ILE B 165 -9.01 12.91 -0.14
CA ILE B 165 -8.29 12.93 -1.40
C ILE B 165 -7.10 13.88 -1.32
N PRO B 166 -5.90 13.39 -1.66
CA PRO B 166 -4.75 14.32 -1.62
C PRO B 166 -4.98 15.44 -2.62
N LYS B 167 -4.57 16.63 -2.20
CA LYS B 167 -4.79 17.86 -2.94
C LYS B 167 -3.65 18.07 -3.92
N VAL B 168 -3.69 17.30 -4.99
CA VAL B 168 -2.70 17.39 -6.06
C VAL B 168 -3.43 17.55 -7.39
N LYS B 169 -2.85 18.33 -8.30
CA LYS B 169 -3.57 18.74 -9.51
C LYS B 169 -3.86 17.60 -10.48
N VAL B 170 -2.96 16.62 -10.58
CA VAL B 170 -3.14 15.50 -11.51
C VAL B 170 -4.45 14.74 -11.23
N PHE B 171 -4.81 14.72 -9.95
CA PHE B 171 -5.94 13.93 -9.58
C PHE B 171 -7.21 14.56 -10.15
N LEU B 172 -7.21 15.83 -10.50
CA LEU B 172 -8.46 16.39 -11.03
C LEU B 172 -8.80 15.83 -12.40
N ALA B 173 -7.78 15.62 -13.23
CA ALA B 173 -7.94 14.91 -14.49
C ALA B 173 -8.39 13.46 -14.24
N ILE B 174 -7.70 12.80 -13.30
CA ILE B 174 -8.09 11.43 -12.98
C ILE B 174 -9.55 11.33 -12.53
N ALA B 175 -9.96 12.27 -11.69
CA ALA B 175 -11.31 12.35 -11.13
C ALA B 175 -12.32 12.55 -12.22
N ASN B 176 -12.02 13.43 -13.18
CA ASN B 176 -12.97 13.70 -14.23
C ASN B 176 -13.14 12.46 -15.12
N ARG B 177 -12.08 11.66 -15.27
CA ARG B 177 -12.26 10.40 -16.01
C ARG B 177 -13.03 9.31 -15.21
N ILE B 178 -12.72 9.18 -13.92
CA ILE B 178 -13.31 8.15 -13.09
C ILE B 178 -14.80 8.42 -12.81
N TYR B 179 -15.12 9.68 -12.53
CA TYR B 179 -16.45 10.09 -12.07
C TYR B 179 -17.31 10.69 -13.16
N LYS B 180 -16.70 11.22 -14.22
CA LYS B 180 -17.51 11.87 -15.25
C LYS B 180 -17.27 11.25 -16.62
N GLY B 181 -16.30 10.34 -16.70
CA GLY B 181 -15.90 9.78 -17.98
C GLY B 181 -16.77 8.65 -18.49
N ARG B 182 -17.24 8.79 -19.72
CA ARG B 182 -17.97 7.73 -20.41
C ARG B 182 -17.27 7.53 -21.75
N GLY B 183 -17.55 6.43 -22.41
CA GLY B 183 -16.95 6.15 -23.71
C GLY B 183 -15.44 6.02 -23.61
N GLU B 184 -14.74 6.69 -24.52
CA GLU B 184 -13.27 6.62 -24.58
C GLU B 184 -12.62 7.33 -23.38
N ARG B 185 -13.38 8.19 -22.71
CA ARG B 185 -12.88 8.92 -21.57
C ARG B 185 -13.07 8.12 -20.28
N PHE B 186 -13.75 6.98 -20.39
CA PHE B 186 -14.00 6.13 -19.23
C PHE B 186 -12.73 5.55 -18.64
N LEU B 187 -12.69 5.52 -17.32
CA LEU B 187 -11.62 4.89 -16.56
C LEU B 187 -12.29 4.17 -15.38
N SER B 188 -12.03 2.89 -15.21
CA SER B 188 -12.71 2.08 -14.20
C SER B 188 -12.25 2.40 -12.79
N SER B 189 -13.15 2.23 -11.83
CA SER B 189 -12.79 2.40 -10.43
C SER B 189 -11.64 1.46 -10.06
N SER B 190 -11.65 0.26 -10.63
CA SER B 190 -10.63 -0.74 -10.36
C SER B 190 -9.25 -0.25 -10.72
N ALA B 191 -9.16 0.52 -11.81
CA ALA B 191 -7.90 1.07 -12.27
C ALA B 191 -7.29 1.99 -11.22
N LEU B 192 -8.13 2.82 -10.61
CA LEU B 192 -7.69 3.70 -9.53
C LEU B 192 -7.30 2.87 -8.31
N LEU B 193 -8.20 1.99 -7.90
CA LEU B 193 -8.03 1.31 -6.62
C LEU B 193 -6.85 0.35 -6.62
N ASN B 194 -6.47 -0.16 -7.78
CA ASN B 194 -5.33 -1.07 -7.87
C ASN B 194 -3.99 -0.36 -7.94
N SER B 195 -4.00 0.93 -8.26
CA SER B 195 -2.76 1.70 -8.27
C SER B 195 -2.35 2.00 -6.83
N ASP B 196 -1.08 2.31 -6.63
CA ASP B 196 -0.63 2.72 -5.32
C ASP B 196 -1.30 4.02 -4.89
N LEU B 197 -1.50 4.94 -5.84
CA LEU B 197 -2.21 6.19 -5.58
C LEU B 197 -3.56 5.89 -4.95
N GLY B 198 -4.29 4.97 -5.57
CA GLY B 198 -5.58 4.56 -5.07
C GLY B 198 -5.49 3.93 -3.67
N LYS B 199 -4.47 3.11 -3.44
CA LYS B 199 -4.32 2.49 -2.12
C LYS B 199 -4.10 3.53 -1.03
N LEU B 200 -3.29 4.55 -1.36
CA LEU B 200 -3.03 5.66 -0.46
C LEU B 200 -4.33 6.41 -0.18
N ILE B 201 -5.06 6.72 -1.23
CA ILE B 201 -6.36 7.38 -1.09
C ILE B 201 -7.29 6.59 -0.18
N LEU B 202 -7.37 5.29 -0.39
CA LEU B 202 -8.24 4.47 0.46
C LEU B 202 -7.81 4.47 1.93
N MET B 203 -6.50 4.48 2.18
CA MET B 203 -6.01 4.63 3.56
C MET B 203 -6.44 5.96 4.18
N ASN B 204 -6.29 7.04 3.40
CA ASN B 204 -6.66 8.36 3.89
C ASN B 204 -8.17 8.47 4.11
N PHE B 205 -8.95 7.82 3.24
CA PHE B 205 -10.41 7.74 3.38
C PHE B 205 -10.76 7.08 4.72
N ASP B 206 -10.12 5.95 5.02
CA ASP B 206 -10.37 5.32 6.31
C ASP B 206 -10.09 6.27 7.47
N GLU B 207 -9.03 7.05 7.38
CA GLU B 207 -8.70 7.98 8.47
C GLU B 207 -9.75 9.09 8.63
N VAL B 208 -10.09 9.76 7.54
CA VAL B 208 -10.99 10.93 7.59
C VAL B 208 -12.45 10.55 7.80
N THR B 209 -12.91 9.58 7.02
CA THR B 209 -14.32 9.22 6.93
C THR B 209 -14.75 8.30 8.07
N ALA B 210 -13.83 7.48 8.59
CA ALA B 210 -14.22 6.49 9.59
C ALA B 210 -13.50 6.69 10.94
N ASN B 211 -12.17 6.65 10.95
CA ASN B 211 -11.46 6.63 12.22
C ASN B 211 -11.63 7.91 13.06
N THR B 212 -11.94 9.02 12.39
CA THR B 212 -12.27 10.25 13.09
C THR B 212 -13.46 10.05 14.06
N PHE B 213 -14.42 9.19 13.70
CA PHE B 213 -15.53 8.91 14.61
C PHE B 213 -15.04 8.19 15.87
N LEU B 214 -14.13 7.25 15.68
CA LEU B 214 -13.52 6.58 16.85
C LEU B 214 -12.74 7.58 17.70
N HIS B 215 -11.99 8.48 17.07
CA HIS B 215 -11.21 9.45 17.83
C HIS B 215 -12.12 10.43 18.59
N LEU B 216 -13.28 10.70 18.02
CA LEU B 216 -14.29 11.52 18.69
C LEU B 216 -14.82 10.80 19.92
N ILE B 217 -15.17 9.53 19.76
CA ILE B 217 -15.75 8.76 20.85
C ILE B 217 -14.74 8.54 22.01
N GLU B 218 -13.53 8.12 21.66
CA GLU B 218 -12.51 7.90 22.68
C GLU B 218 -12.06 9.22 23.31
N GLY B 219 -11.94 10.26 22.49
CA GLY B 219 -11.48 11.55 22.93
C GLY B 219 -12.41 12.25 23.89
N SER B 220 -13.71 11.95 23.77
CA SER B 220 -14.72 12.56 24.63
C SER B 220 -15.11 11.68 25.83
N ALA B 221 -14.34 10.63 26.06
CA ALA B 221 -14.69 9.65 27.08
C ALA B 221 -14.80 10.26 28.48
N ALA B 222 -13.89 11.18 28.82
CA ALA B 222 -13.92 11.78 30.15
C ALA B 222 -15.17 12.62 30.32
N ILE B 223 -15.48 13.42 29.30
CA ILE B 223 -16.71 14.20 29.29
C ILE B 223 -17.94 13.32 29.40
N ARG B 224 -17.99 12.28 28.58
CA ARG B 224 -19.10 11.31 28.59
C ARG B 224 -19.32 10.76 29.99
N ALA B 225 -18.26 10.24 30.59
CA ALA B 225 -18.33 9.67 31.94
C ALA B 225 -18.87 10.68 32.95
N ARG B 226 -18.39 11.92 32.88
CA ARG B 226 -18.79 12.89 33.87
C ARG B 226 -20.27 13.27 33.67
N LEU B 227 -20.73 13.37 32.42
CA LEU B 227 -22.13 13.69 32.22
C LEU B 227 -23.05 12.52 32.59
N GLU B 228 -22.62 11.31 32.23
CA GLU B 228 -23.41 10.12 32.49
C GLU B 228 -23.53 9.90 34.01
N LYS B 229 -22.48 10.22 34.77
CA LYS B 229 -22.52 10.08 36.22
C LYS B 229 -23.31 11.20 36.91
N SER B 230 -23.57 12.29 36.20
CA SER B 230 -24.29 13.41 36.80
C SER B 230 -25.71 13.58 36.24
N GLY B 231 -26.29 12.50 35.72
CA GLY B 231 -27.66 12.50 35.26
C GLY B 231 -27.88 13.03 33.85
N GLY B 232 -26.80 13.13 33.08
CA GLY B 232 -26.92 13.60 31.71
C GLY B 232 -26.96 12.45 30.73
N GLN B 233 -27.31 12.76 29.48
CA GLN B 233 -27.27 11.80 28.40
C GLN B 233 -26.29 12.26 27.35
N VAL B 234 -25.55 11.32 26.76
CA VAL B 234 -24.62 11.65 25.69
C VAL B 234 -24.96 10.83 24.45
N ARG B 235 -24.96 11.50 23.29
CA ARG B 235 -25.25 10.86 22.00
C ARG B 235 -24.16 11.18 20.98
N TYR B 236 -23.87 10.22 20.09
CA TYR B 236 -23.01 10.44 18.93
C TYR B 236 -23.77 10.07 17.68
N SER B 237 -23.72 10.94 16.68
CA SER B 237 -24.32 10.61 15.39
C SER B 237 -23.25 10.77 14.33
N ALA B 238 -23.45 10.07 13.23
CA ALA B 238 -22.61 10.25 12.05
C ALA B 238 -23.50 10.11 10.83
N TYR B 239 -23.08 10.75 9.75
CA TYR B 239 -23.76 10.60 8.45
C TYR B 239 -23.09 9.49 7.69
N GLY B 240 -23.82 8.42 7.41
CA GLY B 240 -23.30 7.32 6.62
C GLY B 240 -23.86 7.31 5.22
N TYR B 241 -23.18 6.62 4.31
CA TYR B 241 -23.82 6.27 3.05
C TYR B 241 -23.60 4.79 2.81
N HIS B 242 -24.68 4.07 2.51
CA HIS B 242 -24.57 2.64 2.26
C HIS B 242 -25.73 2.22 1.36
N GLY B 243 -26.00 3.06 0.36
CA GLY B 243 -27.16 2.82 -0.48
C GLY B 243 -28.45 3.21 0.24
N THR B 244 -29.52 3.29 -0.52
CA THR B 244 -30.80 3.84 -0.06
C THR B 244 -31.95 3.09 -0.72
N GLU B 245 -33.01 2.87 0.05
CA GLU B 245 -34.21 2.25 -0.53
C GLU B 245 -35.05 3.31 -1.22
N ILE B 246 -35.38 3.09 -2.48
CA ILE B 246 -36.21 4.03 -3.21
C ILE B 246 -37.33 3.28 -3.94
N LEU B 247 -38.37 4.00 -4.37
CA LEU B 247 -39.50 3.36 -5.07
C LEU B 247 -39.09 2.88 -6.46
N ILE B 248 -39.07 1.57 -6.61
CA ILE B 248 -38.86 0.88 -7.87
C ILE B 248 -40.08 -0.06 -7.98
N ASP B 249 -40.88 0.11 -9.04
CA ASP B 249 -42.07 -0.73 -9.19
C ASP B 249 -43.01 -0.66 -7.98
N ASP B 250 -43.23 0.55 -7.46
CA ASP B 250 -44.09 0.78 -6.30
C ASP B 250 -43.72 -0.02 -5.06
N LYS B 251 -42.45 -0.38 -4.98
CA LYS B 251 -41.92 -1.06 -3.82
C LYS B 251 -40.63 -0.35 -3.40
N TYR B 252 -40.39 -0.15 -2.11
CA TYR B 252 -39.10 0.46 -1.68
C TYR B 252 -38.00 -0.61 -1.79
N GLN B 253 -37.02 -0.35 -2.66
CA GLN B 253 -35.94 -1.31 -2.92
C GLN B 253 -34.57 -0.66 -2.75
N TRP B 254 -33.68 -1.37 -2.07
CA TRP B 254 -32.32 -0.88 -1.85
C TRP B 254 -31.58 -0.76 -3.19
N GLN B 255 -30.90 0.37 -3.37
CA GLN B 255 -30.04 0.56 -4.52
C GLN B 255 -28.91 1.48 -4.09
N THR B 256 -28.03 1.82 -5.03
CA THR B 256 -26.87 2.65 -4.72
C THR B 256 -26.36 3.35 -5.96
N TYR B 257 -25.62 4.42 -5.72
CA TYR B 257 -24.70 4.94 -6.71
C TYR B 257 -23.47 4.03 -6.75
N THR B 258 -23.01 3.70 -7.96
CA THR B 258 -21.79 2.92 -8.19
C THR B 258 -20.90 3.73 -9.13
N SER B 259 -19.60 3.86 -8.86
CA SER B 259 -18.94 3.18 -7.74
C SER B 259 -18.54 4.18 -6.64
N TYR B 260 -19.02 3.89 -5.43
CA TYR B 260 -18.84 4.79 -4.29
C TYR B 260 -17.51 4.51 -3.61
N THR B 261 -16.53 5.36 -3.89
CA THR B 261 -15.14 5.07 -3.52
C THR B 261 -14.91 5.06 -2.01
N GLN B 262 -15.77 5.79 -1.31
CA GLN B 262 -15.68 5.93 0.13
C GLN B 262 -16.39 4.75 0.84
N GLY B 263 -16.84 3.74 0.07
CA GLY B 263 -17.64 2.67 0.65
C GLY B 263 -16.98 1.83 1.76
N LYS B 264 -15.74 1.42 1.54
CA LYS B 264 -14.99 0.67 2.57
C LYS B 264 -14.91 1.46 3.89
N ALA B 265 -14.62 2.75 3.76
CA ALA B 265 -14.51 3.63 4.92
C ALA B 265 -15.87 3.78 5.62
N LYS B 266 -16.96 3.85 4.84
CA LYS B 266 -18.28 3.97 5.45
C LYS B 266 -18.65 2.67 6.21
N MET B 267 -18.21 1.53 5.70
CA MET B 267 -18.48 0.28 6.43
C MET B 267 -17.60 0.20 7.68
N ARG B 268 -16.39 0.78 7.62
CA ARG B 268 -15.58 0.84 8.84
C ARG B 268 -16.20 1.78 9.90
N LEU B 269 -16.82 2.86 9.42
CA LEU B 269 -17.57 3.79 10.26
C LEU B 269 -18.69 3.04 10.98
N GLU B 270 -19.43 2.22 10.24
CA GLU B 270 -20.47 1.39 10.84
C GLU B 270 -19.93 0.49 11.92
N ARG B 271 -18.81 -0.19 11.63
CA ARG B 271 -18.21 -1.10 12.62
C ARG B 271 -17.79 -0.36 13.90
N ILE B 272 -17.26 0.84 13.75
CA ILE B 272 -16.91 1.65 14.90
C ILE B 272 -18.14 1.92 15.77
N ALA B 273 -19.25 2.29 15.12
CA ALA B 273 -20.49 2.52 15.89
C ALA B 273 -20.98 1.24 16.59
N GLU B 274 -20.98 0.13 15.86
CA GLU B 274 -21.45 -1.14 16.42
C GLU B 274 -20.59 -1.54 17.65
N ASP B 275 -19.27 -1.34 17.54
CA ASP B 275 -18.36 -1.68 18.65
C ASP B 275 -18.65 -0.80 19.86
N ALA B 276 -18.81 0.50 19.65
CA ALA B 276 -19.14 1.42 20.74
C ALA B 276 -20.48 1.09 21.41
N TRP B 277 -21.45 0.74 20.59
CA TRP B 277 -22.81 0.42 21.05
C TRP B 277 -22.72 -0.77 22.00
N LYS B 278 -21.91 -1.77 21.64
CA LYS B 278 -21.76 -2.92 22.55
C LYS B 278 -21.07 -2.53 23.88
N GLN B 279 -20.38 -1.39 23.92
CA GLN B 279 -19.83 -0.89 25.17
C GLN B 279 -20.77 0.08 25.89
N GLY B 280 -22.00 0.21 25.40
CA GLY B 280 -23.00 1.04 26.06
C GLY B 280 -23.01 2.50 25.66
N ILE B 281 -22.18 2.83 24.68
CA ILE B 281 -22.10 4.18 24.12
C ILE B 281 -23.18 4.33 23.04
N LYS B 282 -23.98 5.39 23.13
CA LYS B 282 -25.10 5.61 22.20
C LYS B 282 -24.60 6.32 20.94
N ALA B 283 -23.93 5.56 20.08
CA ALA B 283 -23.41 6.09 18.85
C ALA B 283 -24.18 5.47 17.69
N THR B 284 -24.68 6.31 16.79
CA THR B 284 -25.46 5.81 15.67
C THR B 284 -24.99 6.40 14.33
N VAL B 285 -24.74 5.53 13.36
CA VAL B 285 -24.53 5.96 11.96
C VAL B 285 -25.89 5.99 11.23
N TYR B 286 -26.24 7.13 10.64
CA TYR B 286 -27.49 7.23 9.90
C TYR B 286 -27.14 7.18 8.44
N ASN B 287 -27.49 6.08 7.78
CA ASN B 287 -27.20 5.94 6.36
C ASN B 287 -28.27 6.70 5.57
N CYS B 288 -27.88 7.85 5.04
CA CYS B 288 -28.81 8.80 4.44
C CYS B 288 -28.85 8.70 2.90
N PRO B 289 -29.86 9.27 2.28
CA PRO B 289 -29.96 9.21 0.81
C PRO B 289 -28.90 9.97 0.02
N GLU B 290 -28.77 9.56 -1.24
CA GLU B 290 -28.03 10.30 -2.25
C GLU B 290 -28.65 11.69 -2.43
N ILE B 291 -27.84 12.73 -2.27
CA ILE B 291 -28.26 14.10 -2.57
C ILE B 291 -27.09 14.84 -3.23
N ARG B 292 -27.33 16.07 -3.66
CA ARG B 292 -26.23 16.89 -4.21
C ARG B 292 -25.79 17.94 -3.20
N THR B 293 -24.53 17.80 -2.77
CA THR B 293 -23.86 18.70 -1.82
C THR B 293 -22.52 19.07 -2.43
N ASN B 294 -21.73 19.89 -1.72
CA ASN B 294 -20.38 20.18 -2.17
C ASN B 294 -19.57 18.91 -2.40
N SER B 295 -19.78 17.91 -1.56
CA SER B 295 -18.94 16.71 -1.64
C SER B 295 -19.47 15.63 -2.61
N SER B 296 -20.73 15.70 -3.04
CA SER B 296 -21.23 14.68 -3.97
C SER B 296 -21.53 15.19 -5.39
N ASP B 297 -21.36 16.48 -5.62
CA ASP B 297 -21.66 17.10 -6.93
C ASP B 297 -20.89 16.45 -8.08
N ILE B 298 -19.67 16.00 -7.80
CA ILE B 298 -18.78 15.46 -8.81
C ILE B 298 -19.24 14.08 -9.29
N PHE B 299 -19.96 13.37 -8.43
CA PHE B 299 -20.45 12.03 -8.77
C PHE B 299 -21.60 12.11 -9.73
N VAL B 300 -21.33 12.37 -11.01
CA VAL B 300 -22.39 12.44 -12.01
C VAL B 300 -23.23 11.16 -12.03
N GLY B 301 -24.52 11.31 -11.77
CA GLY B 301 -25.41 10.17 -11.72
C GLY B 301 -25.90 9.80 -10.34
N VAL B 302 -25.20 10.25 -9.30
CA VAL B 302 -25.64 9.99 -7.92
C VAL B 302 -27.07 10.51 -7.73
N GLU B 303 -27.39 11.61 -8.39
CA GLU B 303 -28.68 12.27 -8.23
C GLU B 303 -29.83 11.48 -8.91
N LEU B 304 -29.49 10.54 -9.79
CA LEU B 304 -30.52 9.70 -10.38
C LEU B 304 -31.30 8.95 -9.31
N SER B 305 -30.64 8.63 -8.18
CA SER B 305 -31.30 7.89 -7.12
C SER B 305 -32.38 8.73 -6.40
N LEU B 306 -32.28 10.04 -6.53
CA LEU B 306 -33.10 10.95 -5.70
C LEU B 306 -34.50 11.27 -6.27
N PHE B 307 -34.64 11.28 -7.59
CA PHE B 307 -35.91 11.65 -8.24
C PHE B 307 -37.14 10.85 -7.73
N PRO B 308 -36.98 9.53 -7.47
CA PRO B 308 -38.21 8.84 -7.02
C PRO B 308 -38.73 9.31 -5.65
N LEU B 309 -37.97 10.14 -4.92
CA LEU B 309 -38.53 10.74 -3.70
C LEU B 309 -39.86 11.44 -4.00
N LEU B 310 -40.00 11.99 -5.20
CA LEU B 310 -41.27 12.61 -5.60
C LEU B 310 -42.44 11.60 -5.46
N LYS B 311 -42.20 10.36 -5.90
CA LYS B 311 -43.26 9.36 -5.80
C LYS B 311 -43.54 8.96 -4.37
N ALA B 312 -42.48 8.97 -3.55
CA ALA B 312 -42.61 8.62 -2.14
C ALA B 312 -43.43 9.70 -1.44
N LEU B 313 -43.27 10.95 -1.88
CA LEU B 313 -44.04 12.01 -1.23
C LEU B 313 -45.52 11.76 -1.46
N LYS B 314 -45.88 11.22 -2.63
CA LYS B 314 -47.29 10.98 -2.88
C LYS B 314 -47.72 9.74 -2.14
N LYS B 315 -46.85 8.74 -2.10
CA LYS B 315 -47.23 7.44 -1.56
C LYS B 315 -47.46 7.48 -0.05
N GLU B 316 -46.65 8.29 0.63
CA GLU B 316 -46.70 8.30 2.07
C GLU B 316 -47.70 9.33 2.58
N ASN B 317 -48.97 9.16 2.19
CA ASN B 317 -50.00 10.09 2.64
C ASN B 317 -49.77 11.53 2.20
N GLY B 318 -49.36 11.70 0.95
CA GLY B 318 -49.17 13.03 0.45
C GLY B 318 -50.48 13.77 0.30
N GLY B 319 -50.44 15.07 0.51
CA GLY B 319 -51.59 15.92 0.29
C GLY B 319 -51.22 17.13 -0.53
N ALA B 320 -51.72 18.30 -0.12
CA ALA B 320 -51.47 19.53 -0.87
C ALA B 320 -49.99 19.91 -0.91
N TRP B 321 -49.27 19.72 0.19
CA TRP B 321 -47.87 20.14 0.18
C TRP B 321 -47.06 19.26 -0.81
N ALA B 322 -47.31 17.95 -0.81
CA ALA B 322 -46.59 17.05 -1.72
C ALA B 322 -46.89 17.48 -3.16
N GLU B 323 -48.15 17.82 -3.40
CA GLU B 323 -48.59 18.28 -4.71
C GLU B 323 -47.87 19.57 -5.09
N ALA B 324 -47.70 20.46 -4.13
CA ALA B 324 -46.96 21.71 -4.34
C ALA B 324 -45.50 21.46 -4.69
N GLN B 325 -44.92 20.38 -4.16
CA GLN B 325 -43.55 20.04 -4.50
C GLN B 325 -43.44 19.52 -5.93
N TRP B 326 -44.41 18.68 -6.33
CA TRP B 326 -44.48 18.28 -7.74
C TRP B 326 -44.56 19.52 -8.64
N GLN B 327 -45.38 20.48 -8.24
CA GLN B 327 -45.56 21.71 -9.03
C GLN B 327 -44.26 22.48 -9.14
N ALA B 328 -43.55 22.59 -8.00
CA ALA B 328 -42.26 23.26 -7.97
C ALA B 328 -41.27 22.59 -8.92
N CYS B 329 -41.29 21.25 -9.00
CA CYS B 329 -40.36 20.55 -9.88
C CYS B 329 -40.75 20.66 -11.34
N ARG B 330 -42.06 20.69 -11.60
CA ARG B 330 -42.55 20.91 -12.96
C ARG B 330 -42.05 22.25 -13.48
N GLU B 331 -42.08 23.27 -12.63
CA GLU B 331 -41.77 24.62 -13.09
C GLU B 331 -40.32 24.83 -13.58
N VAL B 332 -39.37 24.00 -13.16
CA VAL B 332 -38.00 24.18 -13.61
C VAL B 332 -37.68 23.41 -14.89
N LEU B 333 -38.64 22.65 -15.40
CA LEU B 333 -38.43 21.94 -16.66
C LEU B 333 -38.85 22.81 -17.83
N SER B 334 -38.15 22.67 -18.96
CA SER B 334 -38.43 23.43 -20.17
C SER B 334 -39.82 23.11 -20.69
N GLU B 335 -40.45 24.06 -21.38
CA GLU B 335 -41.70 23.81 -22.08
C GLU B 335 -41.53 22.57 -22.96
N GLY B 336 -42.53 21.70 -22.95
CA GLY B 336 -42.45 20.50 -23.75
C GLY B 336 -41.89 19.30 -23.00
N HIS B 337 -41.28 19.52 -21.85
CA HIS B 337 -40.84 18.39 -21.04
C HIS B 337 -41.71 18.24 -19.80
N THR B 338 -42.18 17.02 -19.54
CA THR B 338 -43.03 16.81 -18.36
C THR B 338 -42.28 16.12 -17.23
N LEU B 339 -42.74 16.38 -16.01
CA LEU B 339 -42.17 15.72 -14.85
C LEU B 339 -42.42 14.20 -14.94
N GLU B 340 -43.62 13.83 -15.40
CA GLU B 340 -43.89 12.42 -15.70
C GLU B 340 -42.83 11.76 -16.59
N SER B 341 -42.43 12.42 -17.69
CA SER B 341 -41.40 11.87 -18.56
C SER B 341 -40.08 11.62 -17.85
N LEU B 342 -39.71 12.60 -17.01
CA LEU B 342 -38.49 12.49 -16.22
C LEU B 342 -38.55 11.24 -15.32
N LEU B 343 -39.66 11.14 -14.57
CA LEU B 343 -39.81 10.02 -13.64
C LEU B 343 -39.89 8.68 -14.36
N GLN B 344 -40.52 8.66 -15.52
CA GLN B 344 -40.58 7.42 -16.30
C GLN B 344 -39.20 7.03 -16.82
N LYS B 345 -38.36 8.02 -17.15
CA LYS B 345 -37.02 7.70 -17.58
C LYS B 345 -36.20 7.10 -16.44
N ILE B 346 -36.45 7.57 -15.20
CA ILE B 346 -35.80 6.96 -14.05
C ILE B 346 -36.33 5.54 -13.77
N ASP B 347 -37.63 5.33 -13.93
CA ASP B 347 -38.17 3.99 -13.73
C ASP B 347 -37.57 3.00 -14.75
N ASP B 348 -37.46 3.44 -15.99
CA ASP B 348 -36.83 2.65 -17.06
C ASP B 348 -35.37 2.35 -16.71
N TYR B 349 -34.66 3.33 -16.15
CA TYR B 349 -33.28 3.16 -15.70
C TYR B 349 -33.20 2.04 -14.66
N ASN B 350 -34.03 2.10 -13.64
CA ASN B 350 -33.97 1.06 -12.63
C ASN B 350 -34.48 -0.29 -13.14
N ALA B 351 -35.26 -0.26 -14.21
CA ALA B 351 -35.80 -1.50 -14.81
C ALA B 351 -34.77 -2.23 -15.67
N SER B 352 -33.74 -1.52 -16.09
CA SER B 352 -32.72 -2.07 -16.99
C SER B 352 -31.89 -3.17 -16.31
N ASP B 353 -31.51 -4.19 -17.08
CA ASP B 353 -30.71 -5.29 -16.55
C ASP B 353 -29.37 -4.84 -15.98
N VAL B 354 -28.75 -3.89 -16.70
CA VAL B 354 -27.46 -3.34 -16.31
C VAL B 354 -27.56 -2.73 -14.90
N MET B 355 -28.63 -1.98 -14.64
CA MET B 355 -28.78 -1.36 -13.31
C MET B 355 -29.21 -2.33 -12.23
N LYS B 356 -30.01 -3.33 -12.61
CA LYS B 356 -30.45 -4.34 -11.66
C LYS B 356 -29.24 -5.13 -11.16
N GLY B 357 -28.20 -5.22 -11.99
CA GLY B 357 -27.01 -5.95 -11.59
C GLY B 357 -26.27 -5.30 -10.43
N PHE B 358 -26.43 -4.00 -10.27
CA PHE B 358 -25.72 -3.29 -9.19
C PHE B 358 -26.51 -3.20 -7.89
N ARG B 359 -27.64 -3.90 -7.82
CA ARG B 359 -28.41 -3.93 -6.58
C ARG B 359 -27.97 -5.10 -5.71
N ASN B 360 -26.67 -5.37 -5.72
CA ASN B 360 -26.04 -6.44 -4.96
C ASN B 360 -25.46 -5.86 -3.66
N PHE B 361 -26.14 -6.10 -2.55
CA PHE B 361 -25.79 -5.47 -1.26
C PHE B 361 -24.47 -5.98 -0.68
N GLU B 362 -24.19 -7.29 -0.78
CA GLU B 362 -22.96 -7.79 -0.16
C GLU B 362 -21.71 -7.40 -0.93
N ALA B 363 -21.87 -7.16 -2.23
CA ALA B 363 -20.73 -6.81 -3.07
C ALA B 363 -20.37 -5.32 -2.99
N TRP B 364 -21.17 -4.54 -2.27
CA TRP B 364 -21.02 -3.09 -2.20
C TRP B 364 -19.72 -2.69 -1.51
N PRO B 365 -19.01 -1.68 -2.06
CA PRO B 365 -19.26 -0.98 -3.32
C PRO B 365 -18.68 -1.78 -4.49
N MET B 366 -19.48 -1.98 -5.52
CA MET B 366 -19.02 -2.76 -6.67
C MET B 366 -18.14 -1.93 -7.56
N PRO B 367 -17.20 -2.58 -8.27
CA PRO B 367 -16.49 -1.81 -9.29
C PRO B 367 -17.44 -1.44 -10.41
N ASN B 368 -17.26 -0.28 -11.02
CA ASN B 368 -18.13 0.11 -12.12
C ASN B 368 -17.68 -0.52 -13.43
N THR B 369 -18.45 -0.25 -14.49
CA THR B 369 -18.13 -0.76 -15.82
C THR B 369 -18.36 0.30 -16.89
N ALA B 370 -17.82 0.08 -18.08
CA ALA B 370 -18.04 1.03 -19.17
C ALA B 370 -19.53 1.17 -19.49
N GLU B 371 -20.24 0.04 -19.44
CA GLU B 371 -21.68 0.00 -19.70
C GLU B 371 -22.49 0.86 -18.71
N LEU B 372 -22.11 0.71 -17.44
CA LEU B 372 -22.71 1.47 -16.36
C LEU B 372 -22.49 2.96 -16.57
N ALA B 373 -21.23 3.33 -16.81
CA ALA B 373 -20.90 4.72 -17.05
C ALA B 373 -21.73 5.29 -18.19
N ASP B 374 -21.87 4.52 -19.26
CA ASP B 374 -22.64 5.00 -20.40
C ASP B 374 -24.10 5.23 -20.05
N ILE B 375 -24.75 4.26 -19.41
CA ILE B 375 -26.16 4.46 -19.11
C ILE B 375 -26.39 5.52 -18.00
N MET B 376 -25.52 5.52 -16.99
CA MET B 376 -25.69 6.46 -15.86
C MET B 376 -25.38 7.89 -16.30
N ILE B 377 -24.24 8.10 -16.95
CA ILE B 377 -23.91 9.45 -17.35
C ILE B 377 -24.82 9.92 -18.47
N GLY B 378 -25.20 9.01 -19.37
CA GLY B 378 -26.14 9.36 -20.44
C GLY B 378 -27.48 9.83 -19.88
N THR B 379 -28.02 9.04 -18.94
CA THR B 379 -29.30 9.35 -18.33
C THR B 379 -29.25 10.68 -17.53
N SER B 380 -28.18 10.83 -16.76
CA SER B 380 -28.01 12.04 -15.98
C SER B 380 -27.98 13.28 -16.90
N ASP B 381 -27.22 13.20 -18.00
CA ASP B 381 -27.14 14.30 -18.97
C ASP B 381 -28.51 14.60 -19.66
N GLU B 382 -29.23 13.56 -20.09
CA GLU B 382 -30.55 13.74 -20.70
C GLU B 382 -31.49 14.53 -19.76
N ILE B 383 -31.47 14.14 -18.49
CA ILE B 383 -32.35 14.83 -17.54
C ILE B 383 -31.89 16.27 -17.28
N THR B 384 -30.58 16.47 -17.13
CA THR B 384 -30.11 17.84 -16.97
C THR B 384 -30.56 18.71 -18.14
N LYS B 385 -30.57 18.14 -19.34
CA LYS B 385 -30.96 18.93 -20.50
C LYS B 385 -32.47 19.11 -20.62
N MET B 386 -33.26 18.43 -19.78
CA MET B 386 -34.68 18.78 -19.72
C MET B 386 -35.00 20.12 -19.00
N HIS B 387 -34.01 20.75 -18.37
CA HIS B 387 -34.25 21.91 -17.52
C HIS B 387 -34.19 23.25 -18.26
N LYS B 388 -35.03 24.19 -17.85
CA LYS B 388 -35.01 25.55 -18.38
C LYS B 388 -33.64 26.18 -18.22
N SER B 389 -33.08 26.02 -17.03
CA SER B 389 -31.80 26.60 -16.70
C SER B 389 -31.02 25.64 -15.81
N ARG B 390 -29.77 25.37 -16.15
CA ARG B 390 -28.98 24.38 -15.43
C ARG B 390 -28.55 24.83 -14.03
N ASP B 391 -28.99 26.02 -13.62
CA ASP B 391 -28.72 26.51 -12.28
C ASP B 391 -29.99 26.40 -11.41
N ALA B 392 -31.04 25.82 -11.97
CA ALA B 392 -32.26 25.58 -11.21
C ALA B 392 -32.77 24.16 -11.52
N LEU B 393 -32.33 23.21 -10.69
CA LEU B 393 -32.58 21.79 -10.98
C LEU B 393 -33.62 21.16 -10.05
N VAL B 394 -34.32 20.15 -10.57
CA VAL B 394 -35.20 19.34 -9.73
C VAL B 394 -34.40 18.80 -8.53
N THR B 395 -33.15 18.41 -8.77
CA THR B 395 -32.31 17.89 -7.69
C THR B 395 -31.98 18.96 -6.64
N ASP B 396 -32.00 20.23 -7.00
CA ASP B 396 -31.83 21.29 -5.99
C ASP B 396 -32.99 21.23 -5.01
N VAL B 397 -34.20 21.22 -5.57
CA VAL B 397 -35.40 21.15 -4.76
C VAL B 397 -35.40 19.91 -3.87
N LEU B 398 -35.14 18.77 -4.48
CA LEU B 398 -35.26 17.53 -3.71
C LEU B 398 -34.15 17.36 -2.68
N SER B 399 -32.93 17.82 -3.02
CA SER B 399 -31.86 17.75 -2.04
C SER B 399 -32.21 18.58 -0.81
N ALA B 400 -32.75 19.76 -1.03
CA ALA B 400 -33.15 20.59 0.12
C ALA B 400 -34.23 19.89 0.97
N LEU B 401 -35.17 19.20 0.32
CA LEU B 401 -36.20 18.47 1.06
C LEU B 401 -35.57 17.37 1.93
N VAL B 402 -34.56 16.68 1.39
CA VAL B 402 -33.92 15.59 2.14
C VAL B 402 -33.17 16.17 3.35
N LEU B 403 -32.49 17.30 3.20
CA LEU B 403 -31.92 17.97 4.39
C LEU B 403 -32.97 18.24 5.47
N GLU B 404 -34.07 18.84 5.01
CA GLU B 404 -35.17 19.24 5.87
C GLU B 404 -35.78 18.03 6.61
N GLY B 405 -35.87 16.90 5.92
CA GLY B 405 -36.48 15.73 6.53
C GLY B 405 -35.53 14.95 7.43
N THR B 406 -34.28 14.82 7.01
CA THR B 406 -33.35 14.01 7.79
C THR B 406 -33.00 14.71 9.09
N GLY B 407 -33.05 16.04 9.11
CA GLY B 407 -32.79 16.81 10.34
C GLY B 407 -33.56 16.33 11.56
N PRO B 408 -34.89 16.45 11.53
CA PRO B 408 -35.69 16.00 12.67
C PRO B 408 -35.62 14.47 12.87
N LEU B 409 -35.51 13.69 11.80
CA LEU B 409 -35.36 12.26 11.99
C LEU B 409 -34.12 11.95 12.85
N MET B 410 -32.97 12.51 12.49
CA MET B 410 -31.76 12.23 13.27
C MET B 410 -31.83 12.85 14.67
N PHE B 411 -32.36 14.06 14.74
CA PHE B 411 -32.38 14.77 16.02
C PHE B 411 -33.25 14.03 17.02
N HIS B 412 -34.43 13.59 16.59
CA HIS B 412 -35.33 12.90 17.51
C HIS B 412 -34.93 11.46 17.73
N GLU B 413 -34.50 10.76 16.69
CA GLU B 413 -34.06 9.37 16.90
C GLU B 413 -32.89 9.34 17.88
N SER B 414 -32.03 10.36 17.85
CA SER B 414 -30.90 10.36 18.78
C SER B 414 -31.30 10.51 20.24
N SER B 415 -32.48 11.03 20.54
CA SER B 415 -32.91 11.05 21.94
C SER B 415 -33.12 9.64 22.46
N ASN B 416 -33.58 8.73 21.60
CA ASN B 416 -33.78 7.33 21.98
C ASN B 416 -33.50 6.39 20.81
N PRO B 417 -32.21 6.20 20.47
CA PRO B 417 -31.89 5.50 19.22
C PRO B 417 -32.13 4.01 19.26
N ALA B 418 -32.60 3.45 18.14
CA ALA B 418 -32.93 2.02 18.03
C ALA B 418 -31.70 1.13 17.95
N GLY B 419 -30.61 1.67 17.43
CA GLY B 419 -29.43 0.86 17.22
C GLY B 419 -28.29 1.70 16.70
N PRO B 420 -27.13 1.07 16.53
CA PRO B 420 -25.92 1.76 16.08
C PRO B 420 -25.89 2.10 14.59
N VAL B 421 -26.68 1.43 13.76
CA VAL B 421 -26.68 1.70 12.31
C VAL B 421 -28.10 1.67 11.80
N LEU B 422 -28.56 2.80 11.26
CA LEU B 422 -29.93 2.91 10.81
C LEU B 422 -29.99 3.56 9.43
N TRP B 423 -30.77 2.98 8.52
CA TRP B 423 -31.00 3.59 7.21
C TRP B 423 -32.19 4.54 7.29
N LEU B 424 -32.02 5.76 6.78
CA LEU B 424 -33.13 6.70 6.54
C LEU B 424 -33.35 6.70 5.03
N SER B 425 -34.31 5.90 4.58
CA SER B 425 -34.57 5.83 3.14
C SER B 425 -35.72 6.73 2.76
N HIS B 426 -36.14 6.69 1.51
CA HIS B 426 -37.16 7.62 1.04
C HIS B 426 -38.50 7.47 1.76
N ASP B 427 -38.83 6.27 2.22
CA ASP B 427 -40.10 6.07 2.89
C ASP B 427 -40.23 6.91 4.16
N VAL B 428 -39.26 6.80 5.06
CA VAL B 428 -39.40 7.49 6.35
C VAL B 428 -39.17 9.00 6.16
N ILE B 429 -38.36 9.38 5.18
CA ILE B 429 -38.17 10.80 4.95
C ILE B 429 -39.44 11.43 4.37
N ALA B 430 -40.12 10.69 3.50
CA ALA B 430 -41.36 11.20 2.96
C ALA B 430 -42.43 11.29 4.03
N LYS B 431 -42.49 10.26 4.90
CA LYS B 431 -43.41 10.33 6.04
C LYS B 431 -43.15 11.57 6.91
N GLN B 432 -41.88 11.77 7.28
CA GLN B 432 -41.49 12.93 8.04
C GLN B 432 -41.85 14.25 7.36
N LEU B 433 -41.60 14.38 6.05
CA LEU B 433 -41.83 15.66 5.38
C LEU B 433 -43.34 15.95 5.23
N ASN B 434 -44.12 14.91 4.98
CA ASN B 434 -45.56 15.11 4.88
C ASN B 434 -46.15 15.48 6.24
N LEU B 435 -45.63 14.86 7.31
CA LEU B 435 -46.14 15.15 8.65
C LEU B 435 -45.81 16.58 9.07
N MET B 436 -44.57 16.99 8.82
CA MET B 436 -44.13 18.36 9.03
C MET B 436 -44.95 19.44 8.34
N HIS B 437 -45.55 19.16 7.17
CA HIS B 437 -46.22 20.28 6.54
C HIS B 437 -47.71 19.95 6.47
N ARG B 438 -48.23 19.18 7.44
CA ARG B 438 -49.64 18.75 7.45
C ARG B 438 -50.58 19.94 7.53
N LEU B 439 -50.06 21.10 7.94
CA LEU B 439 -50.86 22.32 8.04
C LEU B 439 -50.60 23.30 6.89
N GLU B 440 -49.65 22.96 6.02
CA GLU B 440 -49.30 23.84 4.91
C GLU B 440 -50.08 23.50 3.64
N MET C 1 44.91 29.27 6.48
CA MET C 1 45.54 28.97 5.21
C MET C 1 44.87 29.72 4.07
N LYS C 2 45.62 29.97 3.02
CA LYS C 2 45.12 30.76 1.90
C LYS C 2 44.77 29.90 0.68
N SER C 3 45.02 28.59 0.79
CA SER C 3 44.64 27.65 -0.26
C SER C 3 44.58 26.21 0.27
N PRO C 4 43.93 25.29 -0.47
CA PRO C 4 43.83 23.90 0.00
C PRO C 4 45.19 23.23 0.21
N ILE C 5 45.24 22.35 1.21
CA ILE C 5 46.40 21.52 1.51
C ILE C 5 46.05 20.06 1.26
N PRO C 6 46.32 19.58 0.03
CA PRO C 6 45.84 18.27 -0.41
C PRO C 6 46.69 17.09 0.05
N LEU C 7 46.04 15.97 0.35
CA LEU C 7 46.74 14.70 0.41
C LEU C 7 46.67 14.05 -0.97
N ARG C 8 47.83 13.85 -1.58
CA ARG C 8 47.91 13.34 -2.95
C ARG C 8 48.25 11.86 -2.98
N ASP C 9 49.05 11.41 -2.00
CA ASP C 9 49.56 10.04 -2.01
C ASP C 9 48.68 9.13 -1.16
N VAL C 10 48.38 7.94 -1.67
CA VAL C 10 47.64 6.95 -0.90
C VAL C 10 48.52 6.31 0.16
N PRO C 11 48.25 6.58 1.46
CA PRO C 11 49.05 5.95 2.50
C PRO C 11 48.67 4.47 2.66
N GLN C 12 49.62 3.59 2.92
CA GLN C 12 49.30 2.16 3.00
C GLN C 12 49.82 1.44 4.23
N SER C 13 50.60 2.14 5.06
CA SER C 13 51.24 1.51 6.20
C SER C 13 50.41 1.70 7.48
N ASN C 14 50.50 0.77 8.44
CA ASN C 14 49.83 1.00 9.72
C ASN C 14 50.53 0.34 10.88
N ILE C 15 50.40 1.05 12.00
CA ILE C 15 50.93 0.75 13.31
C ILE C 15 49.86 0.19 14.28
N PHE C 16 48.61 0.12 13.83
CA PHE C 16 47.52 -0.32 14.72
C PHE C 16 47.34 -1.83 14.67
N VAL C 21 43.24 0.63 21.06
CA VAL C 21 41.84 0.99 21.30
C VAL C 21 41.42 2.19 20.45
N PHE C 22 40.29 2.03 19.77
CA PHE C 22 39.74 3.08 18.92
C PHE C 22 38.56 3.75 19.61
N VAL C 23 38.62 5.07 19.76
CA VAL C 23 37.58 5.77 20.49
C VAL C 23 36.75 6.63 19.55
N LEU C 24 35.47 6.29 19.41
CA LEU C 24 34.56 7.05 18.57
C LEU C 24 33.99 8.22 19.37
N PHE C 25 34.46 9.43 19.08
CA PHE C 25 34.03 10.60 19.82
C PHE C 25 32.87 11.23 19.07
N GLY C 26 31.72 10.58 19.16
CA GLY C 26 30.55 10.90 18.37
C GLY C 26 29.72 9.63 18.27
N GLU C 27 28.50 9.75 17.73
CA GLU C 27 27.63 8.59 17.58
C GLU C 27 27.57 8.07 16.16
N LEU C 28 27.37 6.77 16.02
CA LEU C 28 27.34 6.11 14.72
C LEU C 28 25.92 5.99 14.17
N PHE C 29 25.70 6.51 12.98
CA PHE C 29 24.42 6.38 12.28
C PHE C 29 24.62 5.74 10.92
N GLY C 30 23.55 5.19 10.35
CA GLY C 30 23.58 4.70 8.99
C GLY C 30 23.99 5.83 8.06
N ARG C 31 24.85 5.49 7.10
CA ARG C 31 25.41 6.41 6.09
C ARG C 31 26.48 7.34 6.64
N GLY C 32 26.74 7.30 7.95
CA GLY C 32 27.71 8.20 8.55
C GLY C 32 29.14 7.98 8.04
N TYR C 33 29.89 9.07 7.90
CA TYR C 33 31.28 9.03 7.44
C TYR C 33 32.12 8.06 8.26
N ALA C 34 31.92 8.14 9.57
CA ALA C 34 32.74 7.45 10.55
C ALA C 34 32.72 5.95 10.33
N ASN C 35 31.67 5.46 9.67
CA ASN C 35 31.58 4.04 9.35
C ASN C 35 32.86 3.54 8.69
N GLY C 36 33.30 4.27 7.66
CA GLY C 36 34.46 3.83 6.91
C GLY C 36 35.59 3.67 7.90
N LEU C 37 35.79 4.70 8.70
CA LEU C 37 36.95 4.72 9.58
C LEU C 37 36.81 3.62 10.61
N ILE C 38 35.62 3.48 11.20
CA ILE C 38 35.49 2.49 12.27
C ILE C 38 35.69 1.11 11.68
N ASN C 39 35.24 0.89 10.43
CA ASN C 39 35.46 -0.44 9.86
C ASN C 39 36.94 -0.75 9.69
N GLU C 40 37.74 0.26 9.37
CA GLU C 40 39.16 0.01 9.29
C GLU C 40 39.65 -0.42 10.67
N ALA C 41 39.21 0.32 11.69
CA ALA C 41 39.57 0.03 13.06
C ALA C 41 39.11 -1.37 13.41
N ARG C 42 37.99 -1.78 12.81
CA ARG C 42 37.43 -3.10 13.06
C ARG C 42 38.39 -4.17 12.60
N ASP C 43 38.90 -3.99 11.39
CA ASP C 43 39.68 -5.04 10.75
C ASP C 43 41.11 -5.07 11.24
N ALA C 44 41.54 -3.99 11.89
CA ALA C 44 42.87 -3.92 12.49
C ALA C 44 42.90 -4.59 13.87
N GLY C 45 41.72 -4.96 14.37
CA GLY C 45 41.64 -5.66 15.64
C GLY C 45 41.64 -4.75 16.85
N MET C 46 41.31 -3.48 16.66
CA MET C 46 41.30 -2.54 17.77
C MET C 46 40.09 -2.72 18.69
N THR C 47 40.29 -2.41 19.96
CA THR C 47 39.20 -2.33 20.92
C THR C 47 38.33 -1.12 20.63
N ILE C 48 37.03 -1.34 20.42
CA ILE C 48 36.14 -0.26 20.01
C ILE C 48 35.34 0.33 21.17
N VAL C 49 35.48 1.64 21.35
CA VAL C 49 34.74 2.38 22.38
C VAL C 49 34.10 3.63 21.76
N GLY C 50 32.95 4.03 22.28
CA GLY C 50 32.28 5.23 21.81
C GLY C 50 31.62 5.99 22.94
N ILE C 51 31.22 7.23 22.67
CA ILE C 51 30.47 8.03 23.64
C ILE C 51 28.99 8.05 23.29
N THR C 52 28.18 8.59 24.20
CA THR C 52 26.77 8.85 23.90
C THR C 52 26.42 10.29 24.27
N VAL C 53 25.44 10.87 23.59
CA VAL C 53 24.96 12.20 23.94
C VAL C 53 23.82 12.12 24.97
N GLY C 54 23.39 10.89 25.25
CA GLY C 54 22.32 10.65 26.20
C GLY C 54 20.93 11.00 25.72
N ARG C 55 19.98 11.05 26.64
CA ARG C 55 18.60 11.44 26.33
C ARG C 55 18.05 12.38 27.41
N ASN C 60 13.30 18.16 29.92
CA ASN C 60 14.42 18.71 29.18
C ASN C 60 15.74 18.56 29.95
N ALA C 61 15.82 17.54 30.79
CA ALA C 61 17.06 17.27 31.50
C ALA C 61 17.85 16.19 30.80
N LEU C 62 19.16 16.36 30.75
CA LEU C 62 20.05 15.36 30.16
C LEU C 62 20.07 14.14 31.07
N ARG C 63 20.06 12.96 30.46
CA ARG C 63 20.04 11.72 31.20
C ARG C 63 21.00 10.70 30.59
N ALA C 64 21.47 9.76 31.41
CA ALA C 64 22.35 8.70 30.95
C ALA C 64 21.60 7.69 30.09
N GLY C 78 28.99 -1.01 18.16
CA GLY C 78 29.80 -2.21 18.16
C GLY C 78 30.93 -2.17 19.17
N GLY C 79 30.64 -1.71 20.38
CA GLY C 79 31.64 -1.60 21.42
C GLY C 79 31.11 -1.03 22.72
N ARG C 80 32.00 -0.75 23.66
CA ARG C 80 31.61 -0.20 24.94
C ARG C 80 31.29 1.28 24.76
N ILE C 81 30.24 1.75 25.43
CA ILE C 81 29.85 3.16 25.33
C ILE C 81 30.07 3.92 26.64
N ASN C 83 28.83 6.07 28.71
CA ASN C 83 27.51 6.52 29.14
C ASN C 83 27.57 7.80 29.97
N VAL C 84 27.76 8.93 29.31
CA VAL C 84 27.72 10.23 29.99
C VAL C 84 26.81 11.21 29.26
N LEU C 86 26.93 13.23 26.78
CA LEU C 86 27.88 14.12 26.13
C LEU C 86 27.23 14.92 25.00
N MET C 87 26.15 15.62 25.33
CA MET C 87 25.48 16.48 24.36
C MET C 87 26.27 17.78 24.25
N ALA C 88 26.71 18.10 23.04
CA ALA C 88 27.43 19.34 22.81
C ALA C 88 26.44 20.47 22.53
N GLY C 89 26.92 21.71 22.60
CA GLY C 89 26.07 22.87 22.41
C GLY C 89 25.48 23.38 23.71
N PHE C 90 24.89 24.56 23.67
CA PHE C 90 24.35 25.18 24.87
C PHE C 90 22.92 25.70 24.67
N ASP C 91 22.28 25.25 23.59
CA ASP C 91 20.96 25.73 23.22
C ASP C 91 19.87 25.39 24.26
N LEU C 92 20.12 24.36 25.07
CA LEU C 92 19.16 24.03 26.13
C LEU C 92 19.80 24.10 27.52
N ASP C 93 20.88 24.87 27.62
CA ASP C 93 21.51 25.10 28.92
C ASP C 93 21.14 26.45 29.50
N ALA C 94 21.09 26.50 30.82
CA ALA C 94 20.76 27.74 31.52
C ALA C 94 21.09 27.61 32.99
N PRO C 95 21.30 28.75 33.66
CA PRO C 95 21.35 28.71 35.13
C PRO C 95 20.00 28.22 35.67
N ALA C 96 20.03 27.49 36.78
CA ALA C 96 18.82 26.89 37.36
C ALA C 96 17.66 27.88 37.48
N GLU C 98 16.08 29.62 34.97
CA GLU C 98 15.99 30.79 34.09
C GLU C 98 16.00 30.24 32.64
N PRO C 99 15.51 31.02 31.65
CA PRO C 99 15.42 30.48 30.29
C PRO C 99 16.71 30.10 29.57
N THR C 100 16.58 29.11 28.70
CA THR C 100 17.63 28.68 27.79
C THR C 100 17.58 29.62 26.58
N PRO C 101 18.64 29.62 25.74
CA PRO C 101 18.58 30.41 24.50
C PRO C 101 17.39 30.03 23.63
N THR C 102 17.08 28.74 23.62
CA THR C 102 15.94 28.22 22.88
C THR C 102 14.67 28.89 23.37
N ASP C 103 14.55 29.03 24.69
CA ASP C 103 13.45 29.76 25.31
C ASP C 103 13.41 31.20 24.80
N LEU C 104 14.58 31.81 24.65
CA LEU C 104 14.65 33.19 24.17
C LEU C 104 14.21 33.31 22.72
N LEU C 105 14.23 32.19 22.01
CA LEU C 105 13.79 32.19 20.62
C LEU C 105 12.29 31.98 20.48
N ALA C 106 11.62 31.67 21.60
CA ALA C 106 10.23 31.23 21.58
C ALA C 106 9.24 32.21 20.97
N ASP C 107 9.54 33.51 21.02
CA ASP C 107 8.60 34.50 20.52
C ASP C 107 9.03 35.11 19.20
N MET C 108 10.04 34.52 18.58
CA MET C 108 10.37 34.90 17.22
C MET C 108 9.34 34.31 16.28
N THR C 109 8.90 35.11 15.32
CA THR C 109 7.96 34.64 14.33
C THR C 109 8.57 34.84 12.96
N LEU C 110 7.87 34.34 11.95
CA LEU C 110 8.32 34.48 10.57
C LEU C 110 8.37 35.97 10.24
N LYS C 111 7.52 36.73 10.91
CA LYS C 111 7.47 38.18 10.77
C LYS C 111 8.62 38.87 11.47
N SER C 112 9.05 38.27 12.58
CA SER C 112 9.87 38.97 13.56
C SER C 112 11.38 38.65 13.62
N TRP C 113 11.77 37.46 13.18
CA TRP C 113 13.08 36.92 13.52
C TRP C 113 14.31 37.73 13.06
N GLN C 114 14.23 38.40 11.93
CA GLN C 114 15.42 39.04 11.37
C GLN C 114 15.86 40.30 12.15
N ASP C 115 14.91 40.96 12.82
CA ASP C 115 15.23 42.18 13.56
C ASP C 115 15.21 42.00 15.07
N ASP C 116 14.77 40.84 15.55
CA ASP C 116 14.73 40.57 16.98
C ASP C 116 16.10 40.55 17.62
N LYS C 117 16.19 41.08 18.84
CA LYS C 117 17.45 41.12 19.57
C LYS C 117 17.40 40.23 20.79
N LEU C 118 18.56 39.68 21.12
CA LEU C 118 18.71 38.73 22.20
C LEU C 118 19.51 39.33 23.35
N ASP C 119 19.21 38.93 24.57
CA ASP C 119 20.04 39.31 25.71
C ASP C 119 21.33 38.50 25.66
N TRP C 120 22.38 39.09 25.07
CA TRP C 120 23.62 38.36 24.85
C TRP C 120 24.36 38.09 26.14
N ALA C 121 24.10 38.90 27.16
CA ALA C 121 24.67 38.67 28.49
C ALA C 121 24.17 37.35 29.06
N HIS C 122 22.85 37.15 28.98
CA HIS C 122 22.24 35.92 29.46
C HIS C 122 22.63 34.73 28.60
N ILE C 123 22.73 34.94 27.28
CA ILE C 123 23.12 33.87 26.37
C ILE C 123 24.55 33.41 26.68
N GLU C 124 25.42 34.37 26.96
CA GLU C 124 26.80 34.06 27.32
C GLU C 124 26.85 33.33 28.65
N LYS C 125 25.99 33.76 29.58
CA LYS C 125 25.85 33.07 30.84
C LYS C 125 25.51 31.60 30.56
N CYS C 126 24.53 31.39 29.67
CA CYS C 126 24.16 30.07 29.19
C CYS C 126 25.32 29.43 28.41
N ALA C 128 28.34 29.06 28.72
CA ALA C 128 29.29 28.81 29.79
C ALA C 128 28.84 27.63 30.65
N VAL C 129 27.57 27.66 31.06
CA VAL C 129 27.00 26.56 31.84
C VAL C 129 27.13 25.24 31.06
N GLY C 130 26.73 25.28 29.80
CA GLY C 130 26.80 24.11 28.94
C GLY C 130 28.20 23.67 28.60
N VAL C 131 29.09 24.63 28.33
CA VAL C 131 30.44 24.28 27.93
C VAL C 131 31.16 23.66 29.12
N GLN C 132 30.90 24.17 30.33
CA GLN C 132 31.55 23.57 31.49
C GLN C 132 30.90 22.22 31.77
N ARG C 133 29.61 22.08 31.42
CA ARG C 133 28.99 20.76 31.50
C ARG C 133 29.77 19.76 30.65
N LYS C 135 32.59 19.88 29.43
CA LYS C 135 33.89 19.66 30.08
C LYS C 135 33.83 18.67 31.24
N ASP C 136 32.82 18.81 32.09
CA ASP C 136 32.60 17.85 33.18
C ASP C 136 32.30 16.49 32.59
N GLY C 137 31.57 16.49 31.48
CA GLY C 137 31.29 15.26 30.76
C GLY C 137 32.53 14.53 30.28
N VAL C 138 33.47 15.27 29.69
CA VAL C 138 34.73 14.69 29.20
C VAL C 138 35.53 14.06 30.34
N ALA C 155 46.61 4.63 20.86
CA ALA C 155 45.20 5.00 20.96
C ALA C 155 44.81 6.09 19.96
N PHE C 156 43.62 5.94 19.39
CA PHE C 156 43.15 6.89 18.39
C PHE C 156 41.75 7.44 18.67
N PHE C 157 41.69 8.76 18.90
CA PHE C 157 40.43 9.44 19.17
C PHE C 157 39.87 10.04 17.88
N ALA C 158 38.71 9.55 17.44
CA ALA C 158 38.13 10.02 16.19
C ALA C 158 36.91 10.91 16.41
N HIS C 159 37.11 12.20 16.22
CA HIS C 159 36.04 13.19 16.38
C HIS C 159 35.16 13.25 15.12
N THR C 160 33.84 13.28 15.32
CA THR C 160 32.92 13.37 14.18
C THR C 160 31.82 14.40 14.39
N MET C 161 31.76 15.00 15.58
CA MET C 161 30.60 15.77 15.98
C MET C 161 30.46 17.11 15.25
N ALA C 162 29.26 17.36 14.73
CA ALA C 162 28.92 18.64 14.13
C ALA C 162 27.40 18.86 14.17
N GLY C 163 27.00 20.12 14.38
CA GLY C 163 25.59 20.44 14.47
C GLY C 163 25.41 21.69 15.30
N GLY C 164 24.31 21.77 16.02
CA GLY C 164 24.06 22.91 16.88
C GLY C 164 22.79 23.64 16.50
N ILE C 165 22.00 23.00 15.64
CA ILE C 165 20.69 23.54 15.26
C ILE C 165 19.72 23.43 16.43
N PRO C 166 19.17 24.58 16.86
CA PRO C 166 18.17 24.67 17.92
C PRO C 166 16.83 24.07 17.51
N LYS C 167 16.12 23.46 18.47
CA LYS C 167 14.85 22.82 18.17
C LYS C 167 13.69 23.80 18.24
N VAL C 168 13.58 24.69 17.25
CA VAL C 168 12.46 25.63 17.18
C VAL C 168 11.87 25.59 15.76
N LYS C 169 10.54 25.69 15.67
CA LYS C 169 9.85 25.48 14.40
C LYS C 169 10.12 26.59 13.39
N VAL C 170 10.21 27.81 13.90
CA VAL C 170 10.45 28.97 13.06
C VAL C 170 11.79 28.82 12.34
N PHE C 171 12.78 28.25 13.02
CA PHE C 171 14.07 28.10 12.36
C PHE C 171 14.03 27.01 11.31
N LEU C 172 13.17 26.02 11.47
CA LEU C 172 13.15 24.96 10.49
C LEU C 172 12.48 25.49 9.23
N ALA C 173 11.49 26.36 9.42
CA ALA C 173 10.89 27.06 8.27
C ALA C 173 11.89 27.94 7.51
N ILE C 174 12.57 28.83 8.23
CA ILE C 174 13.58 29.67 7.58
C ILE C 174 14.68 28.82 6.93
N ALA C 175 15.07 27.74 7.59
CA ALA C 175 16.10 26.82 7.08
C ALA C 175 15.70 26.26 5.74
N ASN C 176 14.45 25.83 5.67
CA ASN C 176 13.88 25.27 4.45
C ASN C 176 13.72 26.29 3.31
N ARG C 177 13.54 27.56 3.67
CA ARG C 177 13.60 28.64 2.65
C ARG C 177 15.05 28.88 2.19
N ILE C 178 16.00 28.83 3.12
CA ILE C 178 17.41 29.10 2.79
C ILE C 178 18.01 27.99 1.94
N TYR C 179 17.63 26.74 2.24
CA TYR C 179 18.27 25.58 1.63
C TYR C 179 17.49 25.04 0.42
N LYS C 180 16.17 25.26 0.37
CA LYS C 180 15.37 24.76 -0.76
C LYS C 180 14.59 25.85 -1.50
N GLY C 181 14.61 27.07 -0.98
CA GLY C 181 13.77 28.13 -1.50
C GLY C 181 14.26 28.80 -2.79
N ARG C 182 13.36 28.90 -3.76
CA ARG C 182 13.62 29.64 -4.99
C ARG C 182 12.55 30.71 -5.21
N GLY C 183 12.84 31.68 -6.07
CA GLY C 183 11.92 32.76 -6.36
C GLY C 183 11.65 33.59 -5.13
N GLU C 184 10.39 33.88 -4.84
CA GLU C 184 10.07 34.67 -3.65
C GLU C 184 10.30 33.86 -2.38
N ARG C 185 10.42 32.55 -2.52
CA ARG C 185 10.69 31.70 -1.36
C ARG C 185 12.17 31.62 -1.06
N PHE C 186 12.99 32.21 -1.91
CA PHE C 186 14.41 32.27 -1.63
C PHE C 186 14.69 33.15 -0.43
N LEU C 187 15.63 32.71 0.38
CA LEU C 187 16.15 33.51 1.49
C LEU C 187 17.66 33.36 1.56
N SER C 188 18.36 34.48 1.56
CA SER C 188 19.81 34.45 1.57
C SER C 188 20.34 34.07 2.95
N SER C 189 21.47 33.38 2.96
CA SER C 189 22.18 33.02 4.19
C SER C 189 22.55 34.28 4.99
N SER C 190 22.86 35.36 4.28
CA SER C 190 23.22 36.63 4.92
C SER C 190 22.12 37.16 5.84
N ALA C 191 20.87 36.99 5.42
CA ALA C 191 19.73 37.43 6.20
C ALA C 191 19.73 36.74 7.55
N LEU C 192 20.03 35.44 7.54
CA LEU C 192 20.16 34.68 8.77
C LEU C 192 21.35 35.13 9.60
N LEU C 193 22.53 35.19 8.97
CA LEU C 193 23.78 35.43 9.69
C LEU C 193 23.85 36.82 10.32
N ASN C 194 23.16 37.77 9.72
CA ASN C 194 23.15 39.13 10.26
C ASN C 194 22.12 39.31 11.38
N SER C 195 21.16 38.39 11.46
CA SER C 195 20.19 38.41 12.54
C SER C 195 20.83 37.88 13.83
N ASP C 196 20.25 38.23 14.97
CA ASP C 196 20.72 37.71 16.25
C ASP C 196 20.53 36.20 16.35
N LEU C 197 19.43 35.72 15.78
CA LEU C 197 19.19 34.28 15.67
C LEU C 197 20.40 33.61 15.03
N GLY C 198 20.83 34.16 13.91
CA GLY C 198 21.97 33.63 13.18
C GLY C 198 23.25 33.67 13.99
N LYS C 199 23.50 34.78 14.69
CA LYS C 199 24.70 34.90 15.50
C LYS C 199 24.74 33.87 16.63
N LEU C 200 23.60 33.67 17.30
CA LEU C 200 23.49 32.65 18.34
C LEU C 200 23.74 31.25 17.78
N ILE C 201 23.08 30.96 16.67
CA ILE C 201 23.25 29.69 15.99
C ILE C 201 24.71 29.43 15.63
N LEU C 202 25.38 30.46 15.12
CA LEU C 202 26.78 30.36 14.77
C LEU C 202 27.65 30.08 15.98
N MET C 203 27.29 30.68 17.12
CA MET C 203 27.99 30.37 18.37
C MET C 203 27.82 28.89 18.73
N ASN C 204 26.60 28.37 18.56
CA ASN C 204 26.36 26.97 18.85
C ASN C 204 27.12 26.07 17.88
N PHE C 205 27.25 26.52 16.64
CA PHE C 205 28.04 25.83 15.64
C PHE C 205 29.49 25.74 16.09
N ASP C 206 30.04 26.86 16.55
CA ASP C 206 31.40 26.85 17.08
C ASP C 206 31.51 25.85 18.23
N GLU C 207 30.50 25.81 19.10
CA GLU C 207 30.55 24.90 20.23
C GLU C 207 30.52 23.42 19.86
N VAL C 208 29.56 23.03 19.02
CA VAL C 208 29.37 21.62 18.67
C VAL C 208 30.42 21.12 17.67
N THR C 209 30.62 21.90 16.61
CA THR C 209 31.41 21.45 15.47
C THR C 209 32.93 21.64 15.66
N ALA C 210 33.32 22.61 16.49
CA ALA C 210 34.74 22.93 16.62
C ALA C 210 35.32 22.73 18.02
N ASN C 211 34.77 23.45 19.01
CA ASN C 211 35.36 23.45 20.35
C ASN C 211 35.35 22.07 21.02
N THR C 212 34.41 21.21 20.62
CA THR C 212 34.40 19.84 21.09
C THR C 212 35.70 19.09 20.81
N PHE C 213 36.33 19.40 19.68
CA PHE C 213 37.61 18.81 19.32
C PHE C 213 38.70 19.26 20.29
N LEU C 214 38.66 20.54 20.63
CA LEU C 214 39.61 21.12 21.57
C LEU C 214 39.45 20.50 22.95
N HIS C 215 38.21 20.32 23.38
CA HIS C 215 37.93 19.73 24.69
C HIS C 215 38.28 18.25 24.72
N LEU C 216 38.16 17.60 23.57
CA LEU C 216 38.57 16.22 23.43
C LEU C 216 40.09 16.12 23.55
N ILE C 217 40.81 17.03 22.91
CA ILE C 217 42.28 17.03 22.98
C ILE C 217 42.78 17.37 24.39
N GLU C 218 42.26 18.46 24.95
CA GLU C 218 42.67 18.93 26.27
C GLU C 218 42.25 18.03 27.43
N GLY C 219 41.02 17.52 27.35
CA GLY C 219 40.47 16.69 28.41
C GLY C 219 41.22 15.38 28.51
N SER C 220 41.76 14.92 27.38
CA SER C 220 42.51 13.69 27.34
C SER C 220 44.00 13.96 27.43
N ALA C 222 45.71 13.63 30.12
CA ALA C 222 46.35 12.74 31.06
C ALA C 222 46.69 11.41 30.38
N ILE C 223 45.73 10.89 29.64
CA ILE C 223 45.94 9.67 28.86
C ILE C 223 47.08 9.88 27.86
N ARG C 224 47.07 11.04 27.19
CA ARG C 224 48.14 11.42 26.27
C ARG C 224 49.53 11.22 26.85
N ALA C 225 49.75 11.85 28.00
CA ALA C 225 51.04 11.78 28.70
C ALA C 225 51.41 10.35 29.06
N ARG C 226 50.41 9.58 29.50
CA ARG C 226 50.61 8.21 29.96
C ARG C 226 50.99 7.25 28.84
N LEU C 227 50.31 7.37 27.71
CA LEU C 227 50.58 6.52 26.55
C LEU C 227 51.93 6.87 25.91
N GLU C 228 52.26 8.16 25.88
CA GLU C 228 53.52 8.60 25.31
C GLU C 228 54.70 8.01 26.09
N TYR C 236 44.61 11.77 16.82
CA TYR C 236 43.30 12.42 16.77
C TYR C 236 42.90 12.78 15.33
N SER C 237 41.68 12.42 14.95
CA SER C 237 41.14 12.83 13.65
C SER C 237 39.80 13.54 13.82
N ALA C 238 39.46 14.33 12.81
CA ALA C 238 38.17 14.97 12.73
C ALA C 238 37.71 15.01 11.27
N TYR C 239 36.41 15.04 11.07
CA TYR C 239 35.88 15.20 9.71
C TYR C 239 35.64 16.68 9.47
N GLY C 240 36.37 17.24 8.51
CA GLY C 240 36.20 18.63 8.16
C GLY C 240 35.46 18.72 6.86
N TYR C 241 34.90 19.90 6.60
CA TYR C 241 34.47 20.24 5.25
C TYR C 241 34.97 21.65 4.96
N HIS C 242 35.68 21.79 3.84
CA HIS C 242 36.22 23.09 3.45
C HIS C 242 36.33 23.11 1.94
N GLY C 243 35.30 22.57 1.30
CA GLY C 243 35.30 22.43 -0.15
C GLY C 243 36.13 21.23 -0.58
N THR C 244 35.99 20.87 -1.86
CA THR C 244 36.57 19.65 -2.39
C THR C 244 37.03 19.86 -3.83
N GLU C 245 38.16 19.26 -4.20
CA GLU C 245 38.60 19.30 -5.59
C GLU C 245 37.91 18.20 -6.38
N ILE C 246 37.23 18.59 -7.46
CA ILE C 246 36.55 17.62 -8.30
C ILE C 246 36.93 17.86 -9.75
N LEU C 247 36.66 16.88 -10.61
CA LEU C 247 37.00 17.04 -12.02
C LEU C 247 36.10 18.05 -12.71
N ILE C 248 36.72 19.17 -13.06
CA ILE C 248 36.12 20.22 -13.87
C ILE C 248 37.10 20.47 -14.99
N ASP C 249 36.63 20.29 -16.23
CA ASP C 249 37.40 20.40 -17.48
C ASP C 249 38.68 19.53 -17.39
N ASP C 250 38.47 18.30 -16.93
CA ASP C 250 39.48 17.25 -16.80
C ASP C 250 40.69 17.64 -15.93
N LYS C 251 40.47 18.57 -15.02
CA LYS C 251 41.47 18.99 -14.04
C LYS C 251 40.81 19.04 -12.67
N TYR C 252 41.51 18.60 -11.63
CA TYR C 252 40.96 18.67 -10.29
C TYR C 252 40.97 20.09 -9.76
N GLN C 253 39.78 20.64 -9.56
CA GLN C 253 39.66 22.03 -9.14
C GLN C 253 38.81 22.14 -7.88
N TRP C 254 39.29 22.99 -6.97
CA TRP C 254 38.58 23.23 -5.72
C TRP C 254 37.24 23.89 -5.98
N GLN C 255 36.20 23.40 -5.31
CA GLN C 255 34.89 24.01 -5.35
C GLN C 255 34.21 23.75 -4.02
N THR C 256 32.96 24.18 -3.89
CA THR C 256 32.24 23.99 -2.64
C THR C 256 30.73 24.03 -2.85
N TYR C 257 30.01 23.47 -1.90
CA TYR C 257 28.60 23.77 -1.77
C TYR C 257 28.51 25.16 -1.15
N THR C 258 27.59 25.96 -1.70
CA THR C 258 27.30 27.29 -1.18
C THR C 258 25.80 27.35 -0.91
N SER C 259 25.40 27.82 0.27
CA SER C 259 26.29 28.36 1.27
C SER C 259 26.41 27.43 2.48
N TYR C 260 27.64 27.03 2.80
CA TYR C 260 27.90 26.08 3.87
C TYR C 260 28.00 26.84 5.18
N THR C 261 26.91 26.86 5.94
CA THR C 261 26.78 27.77 7.07
C THR C 261 27.72 27.41 8.22
N GLN C 262 28.15 26.15 8.29
CA GLN C 262 29.06 25.73 9.35
C GLN C 262 30.53 25.97 9.00
N GLY C 263 30.77 26.69 7.91
CA GLY C 263 32.11 26.89 7.39
C GLY C 263 33.04 27.57 8.37
N LYS C 264 32.54 28.62 9.00
CA LYS C 264 33.26 29.33 10.04
C LYS C 264 33.74 28.40 11.15
N ALA C 265 32.84 27.52 11.58
CA ALA C 265 33.10 26.55 12.63
C ALA C 265 34.14 25.52 12.17
N LYS C 266 34.06 25.11 10.91
CA LYS C 266 35.01 24.15 10.36
C LYS C 266 36.43 24.73 10.25
N MET C 267 36.51 26.02 9.94
CA MET C 267 37.82 26.65 9.85
C MET C 267 38.38 26.86 11.25
N ARG C 268 37.50 27.10 12.22
CA ARG C 268 37.97 27.21 13.60
C ARG C 268 38.45 25.83 14.10
N LEU C 269 37.77 24.79 13.63
CA LEU C 269 38.20 23.41 13.88
C LEU C 269 39.61 23.20 13.36
N GLU C 270 39.84 23.65 12.13
CA GLU C 270 41.17 23.58 11.54
C GLU C 270 42.20 24.30 12.40
N ARG C 271 41.87 25.51 12.86
CA ARG C 271 42.79 26.27 13.72
C ARG C 271 43.10 25.51 15.01
N ILE C 272 42.10 24.86 15.59
CA ILE C 272 42.32 24.05 16.79
C ILE C 272 43.32 22.92 16.49
N ALA C 273 43.13 22.25 15.35
CA ALA C 273 44.07 21.19 14.96
C ALA C 273 45.49 21.72 14.75
N GLU C 274 45.63 22.85 14.05
CA GLU C 274 46.95 23.44 13.79
C GLU C 274 47.68 23.84 15.07
N ASP C 275 46.93 24.44 16.00
CA ASP C 275 47.48 24.85 17.26
C ASP C 275 47.93 23.63 18.08
N ALA C 276 47.09 22.59 18.10
CA ALA C 276 47.46 21.36 18.77
C ALA C 276 48.74 20.77 18.13
N TRP C 277 48.82 20.85 16.81
CA TRP C 277 49.96 20.28 16.09
C TRP C 277 51.26 20.95 16.52
N LYS C 278 51.22 22.28 16.67
CA LYS C 278 52.39 23.01 17.15
C LYS C 278 52.65 22.68 18.61
N GLY C 280 52.95 19.75 19.54
CA GLY C 280 53.45 18.40 19.32
C GLY C 280 52.34 17.36 19.30
N ILE C 281 51.10 17.82 19.36
CA ILE C 281 49.95 16.92 19.34
C ILE C 281 49.59 16.49 17.92
N LYS C 282 49.46 15.18 17.72
CA LYS C 282 49.15 14.62 16.41
C LYS C 282 47.63 14.65 16.19
N ALA C 283 47.13 15.85 15.91
CA ALA C 283 45.71 16.03 15.61
C ALA C 283 45.54 16.51 14.16
N THR C 284 44.70 15.81 13.41
CA THR C 284 44.51 16.16 12.01
C THR C 284 43.03 16.25 11.63
N VAL C 285 42.68 17.39 11.02
CA VAL C 285 41.37 17.54 10.39
C VAL C 285 41.46 17.09 8.94
N TYR C 286 40.59 16.16 8.56
CA TYR C 286 40.53 15.69 7.18
C TYR C 286 39.33 16.33 6.49
N ASN C 287 39.59 17.27 5.58
CA ASN C 287 38.53 17.96 4.85
C ASN C 287 38.03 17.04 3.73
N CYS C 288 36.86 16.45 3.95
CA CYS C 288 36.33 15.38 3.11
C CYS C 288 35.28 15.88 2.13
N PRO C 289 34.96 15.08 1.10
CA PRO C 289 34.01 15.49 0.04
C PRO C 289 32.55 15.63 0.47
N GLU C 290 31.80 16.37 -0.34
CA GLU C 290 30.35 16.45 -0.23
C GLU C 290 29.72 15.08 -0.49
N ILE C 291 28.94 14.58 0.46
CA ILE C 291 28.18 13.34 0.25
C ILE C 291 26.80 13.48 0.88
N ARG C 292 25.98 12.43 0.76
CA ARG C 292 24.65 12.43 1.36
C ARG C 292 24.58 11.62 2.66
N THR C 293 24.37 12.33 3.77
CA THR C 293 24.21 11.72 5.09
C THR C 293 22.98 12.31 5.79
N ASN C 294 22.73 11.87 7.02
CA ASN C 294 21.67 12.46 7.84
C ASN C 294 21.85 13.96 8.01
N SER C 295 23.10 14.40 8.11
CA SER C 295 23.42 15.79 8.38
C SER C 295 23.52 16.64 7.12
N SER C 296 23.63 16.00 5.96
CA SER C 296 23.77 16.76 4.72
C SER C 296 22.55 16.65 3.81
N ASP C 297 21.58 15.83 4.21
CA ASP C 297 20.37 15.62 3.42
C ASP C 297 19.60 16.91 3.14
N ILE C 298 19.64 17.86 4.08
CA ILE C 298 18.88 19.09 3.94
C ILE C 298 19.51 20.02 2.90
N PHE C 299 20.82 19.87 2.69
CA PHE C 299 21.55 20.69 1.73
C PHE C 299 21.27 20.28 0.29
N VAL C 300 20.08 20.64 -0.23
CA VAL C 300 19.74 20.34 -1.61
C VAL C 300 20.74 20.97 -2.58
N GLY C 301 21.39 20.12 -3.38
CA GLY C 301 22.37 20.59 -4.33
C GLY C 301 23.81 20.26 -3.98
N VAL C 302 24.06 19.92 -2.72
CA VAL C 302 25.40 19.55 -2.27
C VAL C 302 25.93 18.34 -3.06
N GLU C 303 25.01 17.42 -3.37
CA GLU C 303 25.36 16.16 -4.03
C GLU C 303 25.79 16.37 -5.48
N LEU C 304 25.52 17.56 -6.02
CA LEU C 304 25.98 17.90 -7.36
C LEU C 304 27.49 17.84 -7.43
N SER C 305 28.15 18.10 -6.30
CA SER C 305 29.61 18.08 -6.26
C SER C 305 30.17 16.66 -6.37
N LEU C 306 29.34 15.66 -6.10
CA LEU C 306 29.78 14.28 -5.96
C LEU C 306 29.82 13.49 -7.28
N PHE C 307 28.93 13.81 -8.21
CA PHE C 307 28.84 13.09 -9.48
C PHE C 307 30.15 12.99 -10.30
N PRO C 308 30.96 14.08 -10.37
CA PRO C 308 32.18 13.96 -11.17
C PRO C 308 33.21 12.99 -10.61
N LEU C 309 32.97 12.51 -9.40
CA LEU C 309 33.79 11.44 -8.84
C LEU C 309 33.81 10.26 -9.79
N LEU C 310 32.69 10.03 -10.48
CA LEU C 310 32.62 8.96 -11.46
C LEU C 310 33.73 9.10 -12.50
N LYS C 311 33.88 10.30 -13.05
CA LYS C 311 34.92 10.52 -14.05
C LYS C 311 36.29 10.42 -13.43
N ALA C 312 36.38 10.72 -12.14
CA ALA C 312 37.64 10.57 -11.44
C ALA C 312 37.98 9.08 -11.35
N LEU C 313 36.97 8.24 -11.15
CA LEU C 313 37.22 6.81 -10.96
C LEU C 313 37.91 6.20 -12.17
N LYS C 314 37.55 6.68 -13.35
CA LYS C 314 38.17 6.20 -14.57
C LYS C 314 39.52 6.88 -14.80
N LYS C 315 39.65 8.14 -14.38
CA LYS C 315 40.85 8.90 -14.70
C LYS C 315 42.05 8.36 -13.92
N GLU C 316 41.79 7.89 -12.70
CA GLU C 316 42.86 7.37 -11.85
C GLU C 316 43.04 5.88 -12.06
N GLN C 325 30.91 0.04 -10.89
CA GLN C 325 30.28 1.18 -10.24
C GLN C 325 29.52 2.05 -11.23
N TRP C 326 30.14 2.31 -12.38
CA TRP C 326 29.47 3.00 -13.46
C TRP C 326 28.19 2.30 -13.88
N GLN C 327 28.28 0.98 -14.04
CA GLN C 327 27.14 0.16 -14.42
C GLN C 327 26.05 0.25 -13.35
N ALA C 328 26.47 0.17 -12.08
CA ALA C 328 25.54 0.27 -10.96
C ALA C 328 24.74 1.56 -11.00
N CYS C 329 25.41 2.66 -11.34
CA CYS C 329 24.76 3.96 -11.43
C CYS C 329 23.91 4.02 -12.70
N ARG C 330 24.39 3.40 -13.76
CA ARG C 330 23.65 3.30 -15.01
C ARG C 330 22.33 2.56 -14.81
N THR C 338 20.29 8.82 -19.67
CA THR C 338 21.62 8.23 -19.70
C THR C 338 22.52 8.85 -18.63
N LEU C 339 23.49 8.09 -18.17
CA LEU C 339 24.47 8.61 -17.20
C LEU C 339 25.24 9.76 -17.85
N GLU C 340 25.55 9.60 -19.13
CA GLU C 340 26.10 10.66 -19.98
C GLU C 340 25.43 12.02 -19.84
N SER C 341 24.11 12.04 -20.04
CA SER C 341 23.34 13.29 -19.96
C SER C 341 23.50 13.94 -18.60
N LEU C 342 23.41 13.11 -17.57
CA LEU C 342 23.57 13.54 -16.18
C LEU C 342 24.94 14.19 -15.93
N LEU C 343 26.01 13.46 -16.25
CA LEU C 343 27.37 13.93 -15.99
C LEU C 343 27.73 15.16 -16.84
N GLN C 344 27.22 15.18 -18.08
CA GLN C 344 27.48 16.30 -18.99
C GLN C 344 26.71 17.53 -18.51
N LYS C 345 25.54 17.30 -17.91
CA LYS C 345 24.77 18.39 -17.32
C LYS C 345 25.46 18.92 -16.07
N ILE C 346 26.17 18.03 -15.37
CA ILE C 346 26.99 18.46 -14.24
C ILE C 346 28.16 19.30 -14.74
N ASP C 347 28.73 18.89 -15.88
CA ASP C 347 29.80 19.67 -16.50
C ASP C 347 29.25 21.04 -16.92
N ASP C 348 28.02 21.05 -17.43
CA ASP C 348 27.33 22.30 -17.77
C ASP C 348 27.22 23.19 -16.53
N TYR C 349 26.87 22.55 -15.42
CA TYR C 349 26.73 23.20 -14.13
C TYR C 349 28.03 23.89 -13.72
N ASN C 350 29.14 23.16 -13.73
CA ASN C 350 30.41 23.75 -13.33
C ASN C 350 30.98 24.73 -14.37
N ALA C 351 30.51 24.62 -15.61
CA ALA C 351 30.95 25.50 -16.70
C ALA C 351 30.26 26.86 -16.63
N SER C 352 29.15 26.92 -15.91
CA SER C 352 28.35 28.13 -15.83
C SER C 352 29.10 29.26 -15.13
N ASP C 353 28.83 30.50 -15.55
CA ASP C 353 29.47 31.68 -14.99
C ASP C 353 29.16 31.82 -13.50
N VAL C 354 27.89 31.60 -13.16
CA VAL C 354 27.42 31.69 -11.79
C VAL C 354 28.15 30.72 -10.87
N MET C 355 28.33 29.48 -11.31
CA MET C 355 28.99 28.49 -10.47
C MET C 355 30.49 28.70 -10.39
N LYS C 356 31.10 29.18 -11.49
CA LYS C 356 32.52 29.48 -11.47
C LYS C 356 32.79 30.64 -10.53
N GLY C 357 31.79 31.50 -10.36
CA GLY C 357 31.91 32.63 -9.46
C GLY C 357 32.08 32.26 -7.99
N PHE C 358 31.58 31.08 -7.62
CA PHE C 358 31.65 30.62 -6.23
C PHE C 358 32.87 29.75 -5.93
N ARG C 359 33.81 29.67 -6.88
CA ARG C 359 35.03 28.90 -6.64
C ARG C 359 36.11 29.81 -6.06
N ASN C 360 35.68 30.68 -5.15
CA ASN C 360 36.51 31.64 -4.45
C ASN C 360 36.88 31.08 -3.07
N PHE C 361 38.12 30.66 -2.89
CA PHE C 361 38.51 29.97 -1.67
C PHE C 361 38.52 30.85 -0.41
N GLU C 362 39.03 32.08 -0.53
CA GLU C 362 39.17 32.94 0.66
C GLU C 362 37.84 33.54 1.11
N ALA C 363 36.89 33.66 0.19
CA ALA C 363 35.60 34.24 0.50
C ALA C 363 34.68 33.20 1.13
N TRP C 364 35.16 31.96 1.20
CA TRP C 364 34.41 30.84 1.73
C TRP C 364 34.18 30.97 3.25
N PRO C 365 32.95 30.65 3.70
CA PRO C 365 31.79 30.32 2.85
C PRO C 365 31.12 31.57 2.32
N MET C 366 30.83 31.61 1.03
CA MET C 366 30.19 32.78 0.44
C MET C 366 28.69 32.76 0.71
N PRO C 367 28.07 33.95 0.78
CA PRO C 367 26.61 34.01 0.84
C PRO C 367 25.99 33.51 -0.45
N ASN C 368 24.84 32.87 -0.36
CA ASN C 368 24.15 32.40 -1.57
C ASN C 368 23.34 33.53 -2.22
N THR C 369 22.78 33.26 -3.39
CA THR C 369 21.97 34.23 -4.12
C THR C 369 20.76 33.54 -4.74
N ALA C 370 19.78 34.32 -5.17
CA ALA C 370 18.58 33.79 -5.81
C ALA C 370 18.94 33.03 -7.08
N GLU C 371 19.88 33.55 -7.84
CA GLU C 371 20.35 32.90 -9.06
C GLU C 371 21.00 31.55 -8.73
N LEU C 372 21.83 31.54 -7.68
CA LEU C 372 22.48 30.33 -7.23
C LEU C 372 21.46 29.29 -6.85
N ALA C 373 20.49 29.70 -6.03
CA ALA C 373 19.40 28.82 -5.64
C ALA C 373 18.71 28.26 -6.87
N ASP C 374 18.50 29.13 -7.86
CA ASP C 374 17.78 28.77 -9.07
C ASP C 374 18.49 27.66 -9.84
N ILE C 375 19.77 27.86 -10.12
CA ILE C 375 20.50 26.88 -10.91
C ILE C 375 20.79 25.61 -10.12
N MET C 376 21.09 25.74 -8.83
CA MET C 376 21.46 24.59 -8.02
C MET C 376 20.29 23.68 -7.71
N ILE C 377 19.21 24.27 -7.17
CA ILE C 377 18.04 23.47 -6.83
C ILE C 377 17.34 23.00 -8.11
N GLY C 378 17.35 23.84 -9.15
CA GLY C 378 16.79 23.42 -10.43
C GLY C 378 17.50 22.19 -10.97
N THR C 379 18.82 22.26 -11.01
CA THR C 379 19.64 21.17 -11.53
C THR C 379 19.46 19.90 -10.69
N SER C 380 19.51 20.07 -9.37
CA SER C 380 19.35 18.96 -8.43
C SER C 380 18.01 18.24 -8.63
N ASP C 381 16.95 19.02 -8.74
CA ASP C 381 15.62 18.48 -8.99
C ASP C 381 15.56 17.73 -10.32
N GLU C 382 16.11 18.34 -11.37
CA GLU C 382 16.13 17.71 -12.69
C GLU C 382 16.82 16.33 -12.67
N ILE C 383 17.98 16.29 -12.02
CA ILE C 383 18.75 15.05 -11.94
C ILE C 383 18.01 14.01 -11.11
N THR C 384 17.42 14.44 -9.99
CA THR C 384 16.62 13.54 -9.17
C THR C 384 15.47 12.95 -9.97
N LYS C 385 14.88 13.77 -10.84
CA LYS C 385 13.76 13.32 -11.66
C LYS C 385 14.22 12.50 -12.86
N MET C 386 15.53 12.45 -13.09
CA MET C 386 16.08 11.51 -14.05
C MET C 386 16.07 10.06 -13.56
N HIS C 387 15.71 9.84 -12.30
CA HIS C 387 15.78 8.50 -11.71
C HIS C 387 14.47 7.75 -11.87
N ALA C 392 16.23 5.15 -4.90
CA ALA C 392 17.41 4.53 -5.50
C ALA C 392 18.20 5.52 -6.33
N LEU C 393 19.19 6.17 -5.70
CA LEU C 393 19.92 7.26 -6.33
C LEU C 393 21.39 6.91 -6.62
N VAL C 394 21.93 7.55 -7.65
CA VAL C 394 23.35 7.53 -7.96
C VAL C 394 24.14 7.99 -6.73
N THR C 395 23.57 9.00 -6.05
CA THR C 395 24.20 9.59 -4.89
C THR C 395 24.35 8.59 -3.75
N ASP C 396 23.47 7.60 -3.68
CA ASP C 396 23.57 6.57 -2.65
C ASP C 396 24.85 5.76 -2.83
N VAL C 397 25.01 5.24 -4.05
CA VAL C 397 26.17 4.46 -4.44
C VAL C 397 27.46 5.26 -4.24
N LEU C 398 27.48 6.48 -4.77
CA LEU C 398 28.73 7.25 -4.71
C LEU C 398 29.06 7.69 -3.29
N SER C 399 28.04 8.01 -2.51
CA SER C 399 28.28 8.36 -1.10
C SER C 399 28.89 7.17 -0.38
N ALA C 400 28.35 5.98 -0.63
CA ALA C 400 28.90 4.77 -0.02
C ALA C 400 30.36 4.57 -0.43
N LEU C 401 30.66 4.85 -1.70
CA LEU C 401 32.02 4.74 -2.20
C LEU C 401 32.94 5.72 -1.48
N VAL C 402 32.45 6.93 -1.20
CA VAL C 402 33.27 7.91 -0.51
C VAL C 402 33.54 7.46 0.93
N LEU C 403 32.54 6.92 1.61
CA LEU C 403 32.77 6.32 2.93
C LEU C 403 33.88 5.27 2.87
N GLU C 404 33.69 4.36 1.91
CA GLU C 404 34.56 3.21 1.69
C GLU C 404 36.01 3.63 1.40
N GLY C 405 36.18 4.74 0.69
CA GLY C 405 37.49 5.25 0.33
C GLY C 405 38.14 6.08 1.42
N THR C 406 37.35 6.88 2.12
CA THR C 406 37.89 7.77 3.16
C THR C 406 38.33 7.00 4.39
N GLY C 407 37.65 5.89 4.67
CA GLY C 407 38.03 5.07 5.81
C GLY C 407 39.52 4.75 5.89
N PRO C 408 40.03 3.99 4.90
CA PRO C 408 41.44 3.62 4.87
C PRO C 408 42.38 4.80 4.71
N LEU C 409 41.99 5.83 3.97
CA LEU C 409 42.86 7.00 3.84
C LEU C 409 43.17 7.64 5.20
N MET C 410 42.11 7.93 5.96
CA MET C 410 42.30 8.57 7.26
C MET C 410 42.96 7.62 8.26
N PHE C 411 42.55 6.35 8.22
CA PHE C 411 43.06 5.36 9.16
C PHE C 411 44.56 5.14 8.98
N HIS C 412 44.98 5.03 7.72
CA HIS C 412 46.38 4.74 7.39
C HIS C 412 47.26 5.99 7.48
N GLU C 413 46.75 7.13 7.02
CA GLU C 413 47.48 8.40 7.17
C GLU C 413 47.69 8.74 8.65
N SER C 414 46.72 8.35 9.48
CA SER C 414 46.80 8.66 10.92
C SER C 414 47.94 7.95 11.64
N SER C 415 48.52 6.91 11.04
CA SER C 415 49.65 6.26 11.68
C SER C 415 50.83 7.23 11.77
N ASN C 416 51.03 8.02 10.72
CA ASN C 416 52.06 9.07 10.71
C ASN C 416 51.68 10.23 9.78
N PRO C 417 50.74 11.07 10.20
CA PRO C 417 50.16 12.10 9.32
C PRO C 417 51.14 13.24 9.01
N ALA C 418 51.07 13.75 7.78
CA ALA C 418 51.97 14.81 7.32
C ALA C 418 51.69 16.16 7.97
N GLY C 419 50.45 16.37 8.41
CA GLY C 419 50.09 17.66 9.01
C GLY C 419 48.71 17.67 9.64
N PRO C 420 48.36 18.80 10.29
CA PRO C 420 47.12 18.98 11.05
C PRO C 420 45.88 19.17 10.18
N VAL C 421 46.05 19.57 8.92
CA VAL C 421 44.90 19.77 8.04
C VAL C 421 45.18 19.23 6.64
N LEU C 422 44.36 18.27 6.21
CA LEU C 422 44.56 17.64 4.91
C LEU C 422 43.25 17.49 4.14
N TRP C 423 43.25 17.88 2.87
CA TRP C 423 42.09 17.66 2.02
C TRP C 423 42.17 16.27 1.41
N LEU C 424 41.08 15.54 1.53
CA LEU C 424 40.90 14.30 0.79
C LEU C 424 39.90 14.56 -0.33
N SER C 425 40.38 14.86 -1.51
CA SER C 425 39.49 15.17 -2.62
C SER C 425 39.22 13.93 -3.47
N HIS C 426 38.51 14.13 -4.58
CA HIS C 426 38.10 13.02 -5.44
C HIS C 426 39.30 12.28 -6.04
N ASP C 427 40.41 12.97 -6.24
CA ASP C 427 41.57 12.32 -6.84
C ASP C 427 42.14 11.21 -5.95
N VAL C 428 42.46 11.53 -4.70
CA VAL C 428 43.13 10.57 -3.81
C VAL C 428 42.15 9.49 -3.36
N ILE C 429 40.88 9.83 -3.30
CA ILE C 429 39.85 8.85 -2.95
C ILE C 429 39.59 7.90 -4.11
N ALA C 430 39.62 8.41 -5.33
CA ALA C 430 39.46 7.58 -6.52
C ALA C 430 40.63 6.64 -6.65
N LYS C 431 41.82 7.17 -6.39
CA LYS C 431 43.02 6.34 -6.36
C LYS C 431 42.84 5.24 -5.33
N GLN C 432 42.43 5.64 -4.13
CA GLN C 432 42.24 4.70 -3.04
C GLN C 432 41.31 3.55 -3.41
N LEU C 433 40.16 3.86 -3.98
CA LEU C 433 39.20 2.80 -4.24
C LEU C 433 39.58 1.96 -5.46
N ASN C 434 40.25 2.58 -6.44
CA ASN C 434 40.73 1.81 -7.58
C ASN C 434 41.79 0.81 -7.15
N LEU C 435 42.66 1.25 -6.24
CA LEU C 435 43.74 0.41 -5.74
C LEU C 435 43.21 -0.74 -4.86
N MET C 436 42.23 -0.47 -3.98
CA MET C 436 41.59 -1.54 -3.23
C MET C 436 41.01 -2.61 -4.14
N HIS C 437 40.64 -2.19 -5.36
CA HIS C 437 39.93 -3.03 -6.32
C HIS C 437 38.56 -3.41 -5.76
#